data_5IXL
#
_entry.id   5IXL
#
_cell.length_a   113.340
_cell.length_b   64.030
_cell.length_c   94.080
_cell.angle_alpha   90.00
_cell.angle_beta   98.14
_cell.angle_gamma   90.00
#
_symmetry.space_group_name_H-M   'C 1 2 1'
#
loop_
_entity.id
_entity.type
_entity.pdbx_description
1 polymer 'Endoribonuclease HigB'
2 non-polymer 'CHLORIDE ION'
3 water water
#
_entity_poly.entity_id   1
_entity_poly.type   'polypeptide(L)'
_entity_poly.pdbx_seq_one_letter_code
;MGIKSFKHKGLKLLFEKGVTSGVPAQDVDRINDRLQAIDTATEIGELNRQIYKLHPLKGDREGYWSITVRANWRITFQFI
NGDAYILNYEDAHKLGPEQKLISEEDLNSAVDHHHHHH
;
_entity_poly.pdbx_strand_id   A,B,C,D,E,F,G,H
#
# COMPACT_ATOMS: atom_id res chain seq x y z
N GLY A 2 7.49 -1.06 -30.41
CA GLY A 2 8.32 -2.25 -30.28
C GLY A 2 9.54 -2.07 -29.42
N ILE A 3 10.09 -3.17 -28.92
CA ILE A 3 11.38 -3.15 -28.24
C ILE A 3 12.50 -2.96 -29.24
N LYS A 4 13.33 -1.95 -29.05
CA LYS A 4 14.37 -1.63 -30.01
C LYS A 4 15.77 -1.95 -29.52
N SER A 5 15.95 -2.05 -28.21
CA SER A 5 17.29 -2.30 -27.67
C SER A 5 17.26 -2.86 -26.26
N PHE A 6 18.36 -3.52 -25.90
CA PHE A 6 18.50 -4.18 -24.61
C PHE A 6 19.79 -3.79 -23.92
N LYS A 7 19.74 -3.49 -22.65
CA LYS A 7 20.97 -3.39 -21.86
C LYS A 7 21.37 -4.76 -21.30
N HIS A 8 20.35 -5.56 -20.94
CA HIS A 8 20.55 -6.88 -20.32
C HIS A 8 20.62 -7.95 -21.39
N LYS A 9 21.75 -8.62 -21.51
CA LYS A 9 21.95 -9.64 -22.52
C LYS A 9 21.09 -10.85 -22.37
N GLY A 10 20.81 -11.20 -21.15
CA GLY A 10 19.91 -12.33 -20.90
C GLY A 10 18.49 -12.10 -21.41
N LEU A 11 17.91 -10.94 -21.12
CA LEU A 11 16.64 -10.56 -21.70
C LEU A 11 16.66 -10.60 -23.21
N LYS A 12 17.74 -10.06 -23.82
CA LYS A 12 17.87 -10.00 -25.25
C LYS A 12 17.90 -11.42 -25.86
N LEU A 13 18.74 -12.25 -25.28
CA LEU A 13 18.79 -13.64 -25.68
C LEU A 13 17.42 -14.31 -25.63
N LEU A 14 16.66 -14.08 -24.55
CA LEU A 14 15.34 -14.71 -24.43
C LEU A 14 14.37 -14.19 -25.49
N PHE A 15 14.33 -12.86 -25.60
CA PHE A 15 13.44 -12.23 -26.54
C PHE A 15 13.72 -12.61 -27.99
N GLU A 16 15.01 -12.64 -28.34
CA GLU A 16 15.43 -12.84 -29.71
C GLU A 16 15.45 -14.32 -30.10
N LYS A 17 16.01 -15.14 -29.21
CA LYS A 17 16.27 -16.55 -29.55
C LYS A 17 15.42 -17.56 -28.80
N GLY A 18 14.73 -17.13 -27.75
CA GLY A 18 13.96 -18.08 -26.96
C GLY A 18 14.81 -18.89 -26.01
N VAL A 19 16.07 -18.47 -25.88
CA VAL A 19 17.03 -19.17 -25.04
C VAL A 19 17.04 -18.55 -23.64
N THR A 20 16.98 -19.41 -22.62
CA THR A 20 16.66 -18.96 -21.29
C THR A 20 17.83 -18.91 -20.33
N SER A 21 19.04 -19.11 -20.81
CA SER A 21 20.15 -19.32 -19.89
C SER A 21 20.52 -18.05 -19.14
N GLY A 22 20.07 -16.90 -19.64
CA GLY A 22 20.50 -15.61 -19.10
C GLY A 22 19.53 -14.91 -18.17
N VAL A 23 18.42 -15.59 -17.90
CA VAL A 23 17.48 -15.16 -16.85
C VAL A 23 17.19 -16.32 -15.90
N PRO A 24 16.71 -16.01 -14.69
CA PRO A 24 16.28 -17.07 -13.79
C PRO A 24 15.19 -17.96 -14.44
N ALA A 25 15.39 -19.28 -14.43
CA ALA A 25 14.47 -20.20 -15.10
C ALA A 25 13.01 -20.02 -14.66
N GLN A 26 12.80 -19.74 -13.38
CA GLN A 26 11.45 -19.58 -12.84
C GLN A 26 10.77 -18.32 -13.34
N ASP A 27 11.54 -17.41 -13.92
CA ASP A 27 10.99 -16.13 -14.34
C ASP A 27 10.68 -16.09 -15.84
N VAL A 28 11.01 -17.15 -16.56
CA VAL A 28 10.91 -17.11 -18.01
C VAL A 28 9.51 -16.81 -18.55
N ASP A 29 8.46 -17.47 -18.03
CA ASP A 29 7.11 -17.24 -18.56
C ASP A 29 6.67 -15.81 -18.28
N ARG A 30 6.88 -15.35 -17.06
CA ARG A 30 6.49 -13.98 -16.71
C ARG A 30 7.26 -12.93 -17.52
N ILE A 31 8.55 -13.18 -17.73
CA ILE A 31 9.36 -12.26 -18.53
C ILE A 31 8.88 -12.23 -19.98
N ASN A 32 8.63 -13.40 -20.57
CA ASN A 32 8.09 -13.43 -21.93
C ASN A 32 6.80 -12.65 -22.05
N ASP A 33 5.92 -12.81 -21.07
CA ASP A 33 4.64 -12.11 -21.16
C ASP A 33 4.85 -10.60 -21.07
N ARG A 34 5.74 -10.16 -20.18
CA ARG A 34 5.95 -8.73 -19.99
C ARG A 34 6.69 -8.13 -21.15
N LEU A 35 7.70 -8.85 -21.67
CA LEU A 35 8.38 -8.33 -22.86
C LEU A 35 7.42 -8.17 -24.03
N GLN A 36 6.53 -9.14 -24.20
CA GLN A 36 5.54 -9.04 -25.29
C GLN A 36 4.64 -7.83 -25.07
N ALA A 37 4.22 -7.61 -23.83
CA ALA A 37 3.39 -6.45 -23.55
C ALA A 37 4.09 -5.14 -23.88
N ILE A 38 5.35 -5.03 -23.49
CA ILE A 38 6.15 -3.83 -23.74
C ILE A 38 6.35 -3.62 -25.26
N ASP A 39 6.61 -4.72 -25.98
CA ASP A 39 6.83 -4.70 -27.42
C ASP A 39 5.57 -4.28 -28.21
N THR A 40 4.39 -4.48 -27.63
N THR A 40 4.37 -4.52 -27.68
CA THR A 40 3.14 -4.21 -28.33
CA THR A 40 3.11 -4.17 -28.38
C THR A 40 2.59 -2.82 -28.00
C THR A 40 2.35 -2.98 -27.81
N ALA A 41 2.93 -2.32 -26.81
CA ALA A 41 2.35 -1.07 -26.27
C ALA A 41 2.60 0.09 -27.22
N THR A 42 1.62 0.98 -27.38
CA THR A 42 1.83 2.21 -28.14
C THR A 42 2.12 3.39 -27.25
N GLU A 43 1.79 3.23 -25.97
CA GLU A 43 1.80 4.33 -25.00
C GLU A 43 2.15 3.74 -23.67
N ILE A 44 2.90 4.47 -22.83
CA ILE A 44 3.33 3.91 -21.54
C ILE A 44 2.13 3.52 -20.68
N GLY A 45 1.03 4.26 -20.85
CA GLY A 45 -0.15 4.03 -20.06
C GLY A 45 -0.78 2.68 -20.29
N GLU A 46 -0.48 2.06 -21.43
CA GLU A 46 -1.00 0.73 -21.76
C GLU A 46 -0.31 -0.41 -21.00
N LEU A 47 0.74 -0.07 -20.29
CA LEU A 47 1.50 -1.03 -19.49
C LEU A 47 1.08 -0.92 -18.03
N ASN A 48 -0.05 -0.29 -17.77
CA ASN A 48 -0.41 0.01 -16.38
C ASN A 48 -1.38 -1.02 -15.79
N ARG A 49 -1.18 -2.28 -16.12
CA ARG A 49 -1.93 -3.35 -15.48
C ARG A 49 -1.61 -3.32 -14.02
N GLN A 50 -2.60 -3.54 -13.17
CA GLN A 50 -2.34 -3.49 -11.75
C GLN A 50 -1.16 -4.38 -11.27
N ILE A 51 -1.04 -5.61 -11.78
CA ILE A 51 0.00 -6.49 -11.22
C ILE A 51 1.41 -6.08 -11.65
N TYR A 52 1.54 -5.24 -12.69
CA TYR A 52 2.83 -4.80 -13.13
C TYR A 52 3.44 -3.78 -12.19
N LYS A 53 2.60 -3.06 -11.43
CA LYS A 53 3.10 -1.99 -10.58
C LYS A 53 3.98 -1.00 -11.36
N LEU A 54 3.48 -0.53 -12.49
CA LEU A 54 4.21 0.37 -13.37
C LEU A 54 4.53 1.67 -12.67
N HIS A 55 5.79 2.10 -12.68
CA HIS A 55 6.10 3.42 -12.13
C HIS A 55 7.35 4.04 -12.72
N PRO A 56 7.39 5.36 -12.78
CA PRO A 56 8.61 5.94 -13.34
C PRO A 56 9.72 5.97 -12.30
N LEU A 57 10.97 5.85 -12.74
CA LEU A 57 12.08 5.98 -11.81
C LEU A 57 12.47 7.45 -11.74
N LYS A 58 13.40 7.76 -10.84
CA LYS A 58 13.77 9.15 -10.56
C LYS A 58 15.24 9.40 -10.50
N GLY A 59 15.60 10.68 -10.49
CA GLY A 59 16.99 11.09 -10.35
C GLY A 59 17.78 10.74 -11.58
N ASP A 60 18.89 10.04 -11.40
CA ASP A 60 19.64 9.58 -12.57
C ASP A 60 18.84 8.59 -13.40
N ARG A 61 17.77 8.02 -12.84
CA ARG A 61 16.96 7.12 -13.63
C ARG A 61 15.65 7.76 -14.09
N GLU A 62 15.54 9.09 -13.97
CA GLU A 62 14.39 9.76 -14.57
C GLU A 62 14.39 9.48 -16.07
N GLY A 63 13.23 9.19 -16.65
CA GLY A 63 13.18 8.77 -18.04
C GLY A 63 13.04 7.28 -18.18
N TYR A 64 13.28 6.54 -17.10
CA TYR A 64 13.06 5.09 -17.12
C TYR A 64 11.78 4.72 -16.37
N TRP A 65 11.28 3.55 -16.72
CA TRP A 65 10.06 2.99 -16.19
C TRP A 65 10.39 1.62 -15.66
N SER A 66 9.58 1.15 -14.72
CA SER A 66 9.83 -0.11 -14.07
C SER A 66 8.53 -0.90 -13.95
N ILE A 67 8.54 -2.19 -14.28
CA ILE A 67 7.43 -3.07 -13.97
C ILE A 67 7.95 -4.30 -13.27
N THR A 68 7.11 -4.86 -12.41
CA THR A 68 7.49 -5.99 -11.58
C THR A 68 7.34 -7.32 -12.28
N VAL A 69 8.33 -8.18 -12.10
CA VAL A 69 8.26 -9.57 -12.52
C VAL A 69 7.93 -10.45 -11.32
N ARG A 70 8.76 -10.39 -10.30
CA ARG A 70 8.67 -11.27 -9.16
C ARG A 70 9.41 -10.62 -8.02
N ALA A 71 8.76 -10.53 -6.86
CA ALA A 71 9.41 -9.97 -5.67
C ALA A 71 10.11 -8.67 -6.00
N ASN A 72 11.43 -8.64 -5.81
CA ASN A 72 12.22 -7.43 -6.00
C ASN A 72 12.74 -7.21 -7.41
N TRP A 73 12.42 -8.14 -8.31
CA TRP A 73 12.92 -8.08 -9.70
C TRP A 73 12.04 -7.27 -10.63
N ARG A 74 12.71 -6.44 -11.41
CA ARG A 74 12.03 -5.47 -12.29
C ARG A 74 12.56 -5.53 -13.69
N ILE A 75 11.67 -5.33 -14.66
CA ILE A 75 12.10 -5.00 -16.02
C ILE A 75 12.04 -3.47 -16.10
N THR A 76 13.14 -2.85 -16.54
CA THR A 76 13.19 -1.41 -16.66
C THR A 76 13.49 -1.03 -18.10
N PHE A 77 13.04 0.14 -18.50
CA PHE A 77 13.15 0.55 -19.88
C PHE A 77 12.83 2.02 -20.02
N GLN A 78 13.30 2.61 -21.10
CA GLN A 78 12.80 3.89 -21.54
C GLN A 78 11.67 3.65 -22.52
N PHE A 79 10.69 4.54 -22.55
CA PHE A 79 9.60 4.40 -23.50
C PHE A 79 9.35 5.75 -24.17
N ILE A 80 9.44 5.78 -25.49
CA ILE A 80 9.27 7.04 -26.20
C ILE A 80 8.79 6.80 -27.63
N ASN A 81 7.81 7.62 -28.02
CA ASN A 81 7.18 7.59 -29.34
C ASN A 81 6.77 6.17 -29.74
N GLY A 82 6.26 5.40 -28.78
CA GLY A 82 5.71 4.09 -29.09
C GLY A 82 6.72 2.94 -29.13
N ASP A 83 7.95 3.19 -28.71
CA ASP A 83 8.97 2.15 -28.64
C ASP A 83 9.67 2.13 -27.28
N ALA A 84 10.29 1.01 -26.97
CA ALA A 84 10.98 0.78 -25.70
C ALA A 84 12.46 0.55 -25.94
N TYR A 85 13.30 1.09 -25.05
CA TYR A 85 14.74 1.06 -25.23
C TYR A 85 15.40 0.72 -23.91
N ILE A 86 16.61 0.21 -23.99
CA ILE A 86 17.49 -0.03 -22.84
C ILE A 86 16.82 -1.01 -21.87
N LEU A 87 16.23 -2.06 -22.41
CA LEU A 87 15.54 -3.05 -21.58
C LEU A 87 16.54 -3.70 -20.62
N ASN A 88 16.18 -3.74 -19.34
CA ASN A 88 17.09 -4.30 -18.35
C ASN A 88 16.30 -5.11 -17.34
N TYR A 89 16.98 -6.01 -16.65
CA TYR A 89 16.37 -6.81 -15.59
C TYR A 89 17.15 -6.48 -14.33
N GLU A 90 16.48 -5.91 -13.34
CA GLU A 90 17.16 -5.29 -12.20
C GLU A 90 16.49 -5.60 -10.88
N ASP A 91 17.30 -5.55 -9.82
CA ASP A 91 16.87 -5.73 -8.43
C ASP A 91 16.55 -4.36 -7.83
N ALA A 92 15.30 -4.19 -7.46
CA ALA A 92 14.80 -2.95 -6.93
C ALA A 92 15.54 -2.49 -5.66
N HIS A 93 16.10 -3.42 -4.93
CA HIS A 93 16.70 -3.05 -3.66
C HIS A 93 18.02 -2.40 -3.90
N LYS A 94 18.53 -2.53 -5.10
CA LYS A 94 19.76 -1.85 -5.43
C LYS A 94 19.55 -0.42 -5.86
N LEU A 95 18.32 0.01 -5.86
CA LEU A 95 17.98 1.39 -6.13
C LEU A 95 17.97 2.15 -4.81
N GLY A 96 18.44 3.37 -4.88
CA GLY A 96 18.51 4.19 -3.71
C GLY A 96 17.16 4.80 -3.49
N PRO A 97 16.98 5.38 -2.26
CA PRO A 97 15.64 5.99 -2.05
C PRO A 97 15.41 7.17 -3.02
N GLU A 98 16.47 7.88 -3.34
CA GLU A 98 16.36 9.01 -4.27
C GLU A 98 16.05 8.60 -5.74
N GLN A 99 16.12 7.32 -6.05
CA GLN A 99 15.87 6.87 -7.41
C GLN A 99 14.52 6.23 -7.70
N LYS A 100 13.66 6.14 -6.69
CA LYS A 100 12.34 5.56 -6.81
C LYS A 100 11.42 6.29 -5.85
N GLY B 2 6.00 3.08 2.10
CA GLY B 2 6.87 1.92 2.15
C GLY B 2 8.17 2.12 2.92
N ILE B 3 8.80 1.02 3.32
CA ILE B 3 10.10 1.09 3.95
C ILE B 3 11.14 1.38 2.87
N LYS B 4 11.89 2.46 3.06
CA LYS B 4 12.85 2.91 2.07
C LYS B 4 14.31 2.71 2.47
N SER B 5 14.56 2.59 3.78
CA SER B 5 15.94 2.38 4.21
C SER B 5 16.04 1.71 5.58
N PHE B 6 17.16 1.04 5.80
CA PHE B 6 17.44 0.33 7.05
C PHE B 6 18.73 0.79 7.70
N LYS B 7 18.74 0.87 9.03
CA LYS B 7 19.98 1.02 9.78
C LYS B 7 20.49 -0.34 10.26
N HIS B 8 19.55 -1.22 10.57
CA HIS B 8 19.83 -2.55 11.14
C HIS B 8 19.91 -3.59 10.04
N LYS B 9 21.07 -4.24 9.94
CA LYS B 9 21.32 -5.19 8.86
C LYS B 9 20.46 -6.43 9.02
N GLY B 10 20.21 -6.84 10.26
CA GLY B 10 19.34 -7.98 10.46
C GLY B 10 17.92 -7.76 9.94
N LEU B 11 17.34 -6.60 10.27
CA LEU B 11 16.02 -6.26 9.71
C LEU B 11 16.05 -6.23 8.19
N LYS B 12 17.11 -5.65 7.64
CA LYS B 12 17.23 -5.52 6.19
C LYS B 12 17.28 -6.91 5.52
N LEU B 13 18.12 -7.78 6.05
CA LEU B 13 18.18 -9.14 5.49
C LEU B 13 16.86 -9.86 5.58
N LEU B 14 16.19 -9.71 6.71
CA LEU B 14 14.87 -10.31 6.88
C LEU B 14 13.88 -9.77 5.88
N PHE B 15 13.80 -8.44 5.78
CA PHE B 15 12.77 -7.83 4.93
C PHE B 15 13.04 -8.02 3.42
N GLU B 16 14.30 -7.87 3.02
CA GLU B 16 14.66 -7.90 1.62
C GLU B 16 14.85 -9.30 1.06
N LYS B 17 15.44 -10.18 1.87
CA LYS B 17 15.86 -11.48 1.39
C LYS B 17 15.22 -12.66 2.11
N GLY B 18 14.46 -12.41 3.16
CA GLY B 18 13.90 -13.50 3.93
C GLY B 18 14.90 -14.22 4.83
N VAL B 19 16.09 -13.64 4.96
CA VAL B 19 17.11 -14.27 5.79
C VAL B 19 16.85 -13.93 7.28
N THR B 20 16.84 -14.96 8.13
CA THR B 20 16.31 -14.78 9.47
C THR B 20 17.38 -14.72 10.56
N SER B 21 18.64 -14.91 10.17
CA SER B 21 19.71 -15.04 11.17
C SER B 21 20.05 -13.80 11.98
N GLY B 22 19.63 -12.62 11.52
CA GLY B 22 19.97 -11.38 12.22
C GLY B 22 18.97 -10.92 13.24
N VAL B 23 17.95 -11.74 13.49
CA VAL B 23 16.96 -11.45 14.53
C VAL B 23 16.67 -12.76 15.27
N PRO B 24 16.14 -12.67 16.51
CA PRO B 24 15.84 -13.90 17.24
C PRO B 24 14.80 -14.77 16.53
N ALA B 25 15.06 -16.08 16.43
CA ALA B 25 14.17 -16.97 15.67
C ALA B 25 12.71 -16.93 16.13
N GLN B 26 12.45 -16.85 17.43
CA GLN B 26 11.07 -16.94 17.84
C GLN B 26 10.33 -15.62 17.67
N ASP B 27 11.06 -14.58 17.26
CA ASP B 27 10.43 -13.29 16.99
C ASP B 27 10.39 -12.97 15.50
N VAL B 28 10.75 -13.92 14.64
CA VAL B 28 10.73 -13.66 13.21
C VAL B 28 9.32 -13.24 12.74
N ASP B 29 8.29 -13.97 13.18
CA ASP B 29 6.92 -13.67 12.79
C ASP B 29 6.45 -12.33 13.37
N ARG B 30 6.73 -12.08 14.66
CA ARG B 30 6.42 -10.75 15.24
C ARG B 30 7.06 -9.61 14.45
N ILE B 31 8.32 -9.80 14.11
CA ILE B 31 9.06 -8.73 13.46
C ILE B 31 8.59 -8.56 12.01
N ASN B 32 8.42 -9.67 11.30
CA ASN B 32 7.84 -9.60 9.96
C ASN B 32 6.51 -8.89 9.90
N ASP B 33 5.61 -9.27 10.80
CA ASP B 33 4.28 -8.66 10.88
C ASP B 33 4.40 -7.15 11.05
N ARG B 34 5.26 -6.72 11.96
CA ARG B 34 5.43 -5.29 12.22
C ARG B 34 6.10 -4.61 11.02
N LEU B 35 7.12 -5.25 10.44
CA LEU B 35 7.72 -4.64 9.26
C LEU B 35 6.70 -4.49 8.13
N GLN B 36 5.87 -5.51 7.91
CA GLN B 36 4.88 -5.42 6.84
C GLN B 36 3.86 -4.32 7.17
N ALA B 37 3.49 -4.18 8.44
CA ALA B 37 2.57 -3.12 8.85
C ALA B 37 3.16 -1.74 8.58
N ILE B 38 4.44 -1.57 8.90
CA ILE B 38 5.11 -0.28 8.64
C ILE B 38 5.21 -0.01 7.14
N ASP B 39 5.54 -1.05 6.38
CA ASP B 39 5.71 -0.93 4.94
C ASP B 39 4.40 -0.58 4.23
N THR B 40 3.27 -1.05 4.79
CA THR B 40 1.97 -0.87 4.17
C THR B 40 1.33 0.47 4.55
N ALA B 41 1.68 0.95 5.75
CA ALA B 41 1.09 2.18 6.28
C ALA B 41 1.37 3.39 5.40
N THR B 42 0.33 4.19 5.15
CA THR B 42 0.50 5.43 4.43
C THR B 42 0.43 6.64 5.37
N GLU B 43 -0.16 6.46 6.55
CA GLU B 43 -0.24 7.53 7.54
C GLU B 43 0.18 6.93 8.88
N ILE B 44 0.91 7.70 9.67
CA ILE B 44 1.43 7.23 10.96
C ILE B 44 0.33 6.70 11.87
N GLY B 45 -0.88 7.23 11.77
CA GLY B 45 -1.99 6.74 12.60
C GLY B 45 -2.34 5.28 12.42
N GLU B 46 -2.02 4.72 11.26
CA GLU B 46 -2.33 3.31 11.04
C GLU B 46 -1.50 2.41 11.97
N LEU B 47 -0.43 2.95 12.52
CA LEU B 47 0.46 2.17 13.38
C LEU B 47 0.17 2.36 14.86
N ASN B 48 -0.79 3.22 15.16
CA ASN B 48 -1.14 3.54 16.53
C ASN B 48 -2.12 2.50 17.08
N ARG B 49 -1.67 1.24 17.09
CA ARG B 49 -2.40 0.11 17.71
C ARG B 49 -1.94 0.00 19.13
N GLN B 50 -2.86 -0.07 20.10
CA GLN B 50 -2.47 0.04 21.51
C GLN B 50 -1.28 -0.83 21.92
N ILE B 51 -1.29 -2.08 21.50
CA ILE B 51 -0.24 -3.02 21.93
C ILE B 51 1.10 -2.78 21.20
N TYR B 52 1.06 -2.07 20.07
CA TYR B 52 2.30 -1.60 19.46
C TYR B 52 2.96 -0.52 20.31
N LYS B 53 2.17 0.16 21.11
CA LYS B 53 2.68 1.26 21.90
C LYS B 53 3.52 2.22 21.09
N LEU B 54 2.92 2.67 20.00
CA LEU B 54 3.57 3.66 19.16
C LEU B 54 3.89 4.93 19.94
N HIS B 55 5.12 5.40 19.85
CA HIS B 55 5.41 6.68 20.48
C HIS B 55 6.63 7.34 19.90
N PRO B 56 6.65 8.68 19.96
CA PRO B 56 7.78 9.38 19.36
C PRO B 56 8.92 9.44 20.33
N LEU B 57 10.15 9.30 19.82
CA LEU B 57 11.32 9.43 20.66
C LEU B 57 11.71 10.90 20.81
N LYS B 58 12.64 11.15 21.73
CA LYS B 58 12.95 12.54 22.09
C LYS B 58 14.41 12.87 22.03
N GLY B 59 14.72 14.12 22.26
CA GLY B 59 16.09 14.59 22.26
C GLY B 59 16.76 14.41 20.90
N ASP B 60 17.86 13.68 20.87
CA ASP B 60 18.55 13.44 19.62
C ASP B 60 17.78 12.47 18.75
N ARG B 61 16.76 11.84 19.33
CA ARG B 61 15.89 10.94 18.60
C ARG B 61 14.56 11.57 18.24
N GLU B 62 14.43 12.89 18.37
CA GLU B 62 13.21 13.56 17.94
C GLU B 62 12.95 13.24 16.46
N GLY B 63 11.69 12.96 16.11
CA GLY B 63 11.38 12.63 14.73
C GLY B 63 11.47 11.16 14.42
N TYR B 64 11.92 10.38 15.39
CA TYR B 64 11.81 8.94 15.24
C TYR B 64 10.61 8.44 16.01
N TRP B 65 10.10 7.31 15.56
CA TRP B 65 9.02 6.58 16.21
C TRP B 65 9.52 5.23 16.69
N SER B 66 8.82 4.71 17.68
CA SER B 66 9.11 3.40 18.23
C SER B 66 7.86 2.52 18.34
N ILE B 67 7.91 1.26 17.92
CA ILE B 67 6.83 0.34 18.23
C ILE B 67 7.40 -0.92 18.90
N THR B 68 6.58 -1.58 19.67
CA THR B 68 7.00 -2.75 20.42
C THR B 68 6.88 -4.04 19.62
N VAL B 69 7.93 -4.86 19.68
CA VAL B 69 7.94 -6.18 19.15
C VAL B 69 7.53 -7.16 20.24
N ARG B 70 8.30 -7.20 21.30
CA ARG B 70 8.04 -8.02 22.47
C ARG B 70 8.94 -7.57 23.59
N ALA B 71 8.44 -7.60 24.82
CA ALA B 71 9.23 -7.27 26.01
C ALA B 71 9.90 -5.93 25.73
N ASN B 72 11.23 -5.84 25.86
CA ASN B 72 11.90 -4.54 25.76
C ASN B 72 12.39 -4.15 24.36
N TRP B 73 12.10 -4.97 23.36
CA TRP B 73 12.65 -4.74 22.02
C TRP B 73 11.70 -3.94 21.16
N ARG B 74 12.27 -3.08 20.33
CA ARG B 74 11.49 -2.10 19.56
C ARG B 74 11.94 -2.06 18.15
N ILE B 75 11.04 -1.74 17.23
CA ILE B 75 11.46 -1.29 15.89
C ILE B 75 11.33 0.22 15.88
N THR B 76 12.38 0.92 15.48
CA THR B 76 12.33 2.38 15.41
C THR B 76 12.52 2.82 13.97
N PHE B 77 12.03 4.02 13.65
CA PHE B 77 12.01 4.50 12.28
C PHE B 77 11.59 5.95 12.26
N GLN B 78 11.93 6.64 11.17
CA GLN B 78 11.32 7.93 10.84
C GLN B 78 10.18 7.64 9.91
N PHE B 79 9.13 8.46 9.97
CA PHE B 79 8.02 8.28 9.06
C PHE B 79 7.76 9.62 8.41
N ILE B 80 8.13 9.74 7.16
CA ILE B 80 8.14 11.03 6.49
C ILE B 80 7.40 10.90 5.20
N ASN B 81 6.38 11.73 5.00
CA ASN B 81 5.58 11.71 3.77
C ASN B 81 5.19 10.29 3.32
N GLY B 82 4.74 9.45 4.25
CA GLY B 82 4.16 8.16 3.92
C GLY B 82 5.14 7.02 3.71
N ASP B 83 6.42 7.28 3.94
CA ASP B 83 7.46 6.24 3.85
C ASP B 83 8.22 6.17 5.15
N ALA B 84 8.78 5.00 5.45
CA ALA B 84 9.55 4.80 6.68
C ALA B 84 11.03 4.69 6.37
N TYR B 85 11.83 5.29 7.23
CA TYR B 85 13.26 5.43 6.99
C TYR B 85 14.04 5.02 8.22
N ILE B 86 15.28 4.56 8.00
CA ILE B 86 16.25 4.28 9.06
C ILE B 86 15.72 3.21 10.00
N LEU B 87 15.18 2.14 9.44
CA LEU B 87 14.60 1.08 10.25
C LEU B 87 15.67 0.46 11.15
N ASN B 88 15.37 0.40 12.45
CA ASN B 88 16.30 -0.16 13.39
C ASN B 88 15.57 -1.09 14.38
N TYR B 89 16.33 -1.97 15.02
CA TYR B 89 15.80 -2.89 15.97
C TYR B 89 16.64 -2.67 17.22
N GLU B 90 16.01 -2.22 18.29
CA GLU B 90 16.77 -1.77 19.46
C GLU B 90 16.08 -1.98 20.80
N ASP B 91 16.91 -1.90 21.85
CA ASP B 91 16.54 -2.13 23.24
C ASP B 91 16.04 -0.84 23.84
N ALA B 92 14.77 -0.81 24.20
CA ALA B 92 14.22 0.43 24.76
C ALA B 92 14.90 0.85 26.07
N HIS B 93 15.57 -0.09 26.74
CA HIS B 93 16.12 0.23 28.06
C HIS B 93 17.52 0.82 27.99
N LYS B 94 18.09 0.87 26.80
CA LYS B 94 19.35 1.57 26.60
C LYS B 94 19.13 3.06 26.40
N LEU B 95 17.87 3.48 26.22
CA LEU B 95 17.54 4.91 26.06
C LEU B 95 17.64 5.67 27.39
N GLY B 96 18.16 6.90 27.33
CA GLY B 96 18.25 7.74 28.51
C GLY B 96 16.94 8.45 28.81
N PRO B 97 16.84 9.03 30.01
CA PRO B 97 15.60 9.73 30.35
C PRO B 97 15.31 10.84 29.36
N GLU B 98 16.36 11.50 28.88
CA GLU B 98 16.20 12.62 27.97
C GLU B 98 15.77 12.17 26.55
N GLN B 99 15.84 10.86 26.29
CA GLN B 99 15.47 10.32 24.99
C GLN B 99 14.09 9.67 24.95
N GLY C 2 28.34 15.99 -15.57
CA GLY C 2 27.67 17.24 -15.92
C GLY C 2 26.29 17.34 -15.30
N ILE C 3 25.74 18.54 -15.29
CA ILE C 3 24.36 18.72 -14.84
C ILE C 3 23.41 18.21 -15.92
N LYS C 4 22.51 17.33 -15.50
CA LYS C 4 21.59 16.67 -16.41
C LYS C 4 20.13 16.94 -16.21
N SER C 5 19.76 17.52 -15.07
CA SER C 5 18.37 17.92 -14.88
C SER C 5 18.23 18.92 -13.72
N PHE C 6 17.12 19.65 -13.76
CA PHE C 6 16.81 20.70 -12.81
C PHE C 6 15.41 20.48 -12.27
N LYS C 7 15.25 20.69 -10.97
CA LYS C 7 13.94 20.83 -10.35
C LYS C 7 13.52 22.30 -10.38
N HIS C 8 14.49 23.17 -10.20
CA HIS C 8 14.24 24.61 -10.03
C HIS C 8 14.37 25.33 -11.36
N LYS C 9 13.30 25.99 -11.78
CA LYS C 9 13.25 26.55 -13.13
C LYS C 9 14.13 27.79 -13.27
N GLY C 10 14.34 28.50 -12.17
CA GLY C 10 15.21 29.65 -12.15
C GLY C 10 16.64 29.24 -12.39
N LEU C 11 17.08 28.20 -11.67
CA LEU C 11 18.42 27.67 -11.91
C LEU C 11 18.61 27.22 -13.35
N LYS C 12 17.60 26.54 -13.86
CA LYS C 12 17.62 26.03 -15.22
C LYS C 12 17.76 27.19 -16.24
N LEU C 13 16.97 28.21 -16.04
CA LEU C 13 17.04 29.36 -16.95
C LEU C 13 18.42 29.98 -16.93
N LEU C 14 19.02 30.07 -15.74
CA LEU C 14 20.34 30.69 -15.62
C LEU C 14 21.42 29.84 -16.28
N PHE C 15 21.40 28.54 -16.00
CA PHE C 15 22.41 27.65 -16.53
C PHE C 15 22.26 27.42 -18.03
N GLU C 16 21.02 27.22 -18.49
CA GLU C 16 20.79 26.88 -19.89
C GLU C 16 20.79 28.09 -20.82
N LYS C 17 20.19 29.20 -20.37
CA LYS C 17 19.96 30.35 -21.24
C LYS C 17 20.77 31.58 -20.85
N GLY C 18 21.44 31.54 -19.72
CA GLY C 18 22.18 32.72 -19.30
C GLY C 18 21.27 33.80 -18.82
N VAL C 19 20.02 33.44 -18.50
CA VAL C 19 19.01 34.41 -18.09
C VAL C 19 18.89 34.52 -16.56
N THR C 20 18.81 35.74 -16.07
CA THR C 20 18.96 35.99 -14.63
C THR C 20 17.65 36.12 -13.85
N SER C 21 16.55 36.13 -14.56
CA SER C 21 15.27 36.49 -14.00
C SER C 21 14.76 35.65 -12.85
N GLY C 22 15.16 34.38 -12.80
CA GLY C 22 14.61 33.42 -11.85
C GLY C 22 15.43 33.16 -10.60
N VAL C 23 16.49 33.94 -10.45
CA VAL C 23 17.31 33.92 -9.24
C VAL C 23 17.54 35.36 -8.79
N PRO C 24 17.95 35.57 -7.53
CA PRO C 24 18.21 36.96 -7.14
C PRO C 24 19.38 37.57 -7.91
N ALA C 25 19.24 38.79 -8.39
CA ALA C 25 20.30 39.36 -9.23
C ALA C 25 21.67 39.43 -8.57
N GLN C 26 21.69 39.73 -7.29
CA GLN C 26 22.96 39.87 -6.60
C GLN C 26 23.68 38.54 -6.45
N ASP C 27 22.97 37.42 -6.65
CA ASP C 27 23.58 36.11 -6.44
C ASP C 27 23.86 35.35 -7.73
N VAL C 28 23.63 36.01 -8.87
CA VAL C 28 23.86 35.40 -10.17
C VAL C 28 25.29 34.86 -10.29
N ASP C 29 26.30 35.65 -9.93
CA ASP C 29 27.68 35.16 -10.06
C ASP C 29 27.97 34.02 -9.10
N ARG C 30 27.50 34.11 -7.85
CA ARG C 30 27.71 33.00 -6.89
C ARG C 30 27.08 31.72 -7.37
N ILE C 31 25.84 31.85 -7.84
CA ILE C 31 25.14 30.69 -8.33
C ILE C 31 25.84 30.13 -9.57
N ASN C 32 26.25 30.95 -10.50
CA ASN C 32 26.89 30.34 -11.63
C ASN C 32 28.19 29.67 -11.29
N ASP C 33 28.91 30.24 -10.40
CA ASP C 33 30.17 29.62 -9.99
C ASP C 33 29.92 28.23 -9.39
N ARG C 34 28.88 28.12 -8.56
CA ARG C 34 28.60 26.80 -7.99
C ARG C 34 28.04 25.83 -9.03
N LEU C 35 27.19 26.33 -9.92
CA LEU C 35 26.69 25.47 -10.97
C LEU C 35 27.84 24.98 -11.86
N GLN C 36 28.79 25.85 -12.14
CA GLN C 36 29.96 25.48 -12.93
C GLN C 36 30.75 24.36 -12.26
N ALA C 37 30.93 24.48 -10.95
CA ALA C 37 31.67 23.49 -10.18
C ALA C 37 30.96 22.15 -10.22
N ILE C 38 29.65 22.18 -9.99
CA ILE C 38 28.86 20.94 -10.04
C ILE C 38 28.92 20.30 -11.43
N ASP C 39 28.82 21.12 -12.46
CA ASP C 39 28.78 20.63 -13.85
C ASP C 39 30.10 20.00 -14.27
N THR C 40 31.20 20.47 -13.69
CA THR C 40 32.52 19.98 -14.10
C THR C 40 33.10 18.92 -13.18
N ALA C 41 32.44 18.65 -12.05
CA ALA C 41 32.90 17.61 -11.08
C ALA C 41 32.70 16.20 -11.65
N THR C 42 33.70 15.33 -11.52
CA THR C 42 33.47 13.96 -11.94
C THR C 42 33.23 13.05 -10.75
N GLU C 43 33.56 13.54 -9.56
CA GLU C 43 33.23 12.82 -8.33
C GLU C 43 32.89 13.82 -7.24
N ILE C 44 32.11 13.37 -6.28
CA ILE C 44 31.55 14.28 -5.29
C ILE C 44 32.63 14.93 -4.44
N GLY C 45 33.75 14.26 -4.19
CA GLY C 45 34.77 14.86 -3.35
C GLY C 45 35.35 16.16 -3.93
N GLU C 46 35.24 16.34 -5.24
CA GLU C 46 35.76 17.54 -5.89
C GLU C 46 35.02 18.79 -5.46
N LEU C 47 33.82 18.59 -4.90
CA LEU C 47 32.98 19.69 -4.42
C LEU C 47 33.16 19.99 -2.94
N ASN C 48 34.02 19.22 -2.26
N ASN C 48 34.02 19.22 -2.26
CA ASN C 48 34.24 19.46 -0.85
CA ASN C 48 34.24 19.40 -0.85
C ASN C 48 35.30 20.55 -0.70
C ASN C 48 35.23 20.56 -0.61
N ARG C 49 34.92 21.75 -1.14
CA ARG C 49 35.71 22.95 -0.88
C ARG C 49 35.08 23.55 0.36
N GLN C 50 35.88 23.93 1.36
CA GLN C 50 35.31 24.32 2.65
C GLN C 50 34.16 25.32 2.60
N ILE C 51 34.31 26.39 1.82
CA ILE C 51 33.29 27.44 1.73
C ILE C 51 31.97 26.90 1.17
N TYR C 52 32.03 25.82 0.39
CA TYR C 52 30.78 25.23 -0.11
C TYR C 52 29.96 24.50 0.94
N LYS C 53 30.57 24.09 2.03
CA LYS C 53 29.86 23.36 3.09
C LYS C 53 29.11 22.16 2.52
N LEU C 54 29.79 21.39 1.68
CA LEU C 54 29.20 20.20 1.07
C LEU C 54 28.76 19.24 2.16
N HIS C 55 27.53 18.72 2.05
CA HIS C 55 27.12 17.65 2.96
C HIS C 55 25.94 16.86 2.40
N PRO C 56 25.87 15.58 2.74
CA PRO C 56 24.75 14.76 2.27
C PRO C 56 23.52 15.05 3.12
N LEU C 57 22.35 14.99 2.49
CA LEU C 57 21.12 15.19 3.22
C LEU C 57 20.65 13.86 3.76
N LYS C 58 19.68 13.91 4.66
CA LYS C 58 19.25 12.70 5.36
C LYS C 58 17.74 12.55 5.34
N GLY C 59 17.22 11.48 5.90
CA GLY C 59 15.79 11.32 6.02
C GLY C 59 15.22 10.98 4.67
N ASP C 60 14.19 11.70 4.26
CA ASP C 60 13.56 11.38 3.00
C ASP C 60 14.41 11.95 1.87
N ARG C 61 15.50 12.63 2.25
CA ARG C 61 16.41 13.20 1.27
C ARG C 61 17.76 12.48 1.22
N GLU C 62 17.78 11.25 1.70
CA GLU C 62 18.97 10.44 1.56
C GLU C 62 19.24 10.27 0.06
N GLY C 63 20.47 10.51 -0.36
CA GLY C 63 20.80 10.42 -1.77
C GLY C 63 21.03 11.80 -2.37
N TYR C 64 20.68 12.83 -1.62
CA TYR C 64 20.89 14.21 -2.08
C TYR C 64 22.07 14.85 -1.36
N TRP C 65 22.63 15.87 -2.00
CA TRP C 65 23.73 16.67 -1.46
C TRP C 65 23.36 18.13 -1.45
N SER C 66 24.08 18.92 -0.65
CA SER C 66 23.81 20.33 -0.52
C SER C 66 25.11 21.10 -0.54
N ILE C 67 25.19 22.18 -1.31
CA ILE C 67 26.28 23.14 -1.13
C ILE C 67 25.69 24.53 -0.92
N THR C 68 26.45 25.38 -0.23
CA THR C 68 26.02 26.72 0.10
C THR C 68 26.37 27.75 -0.98
N VAL C 69 25.36 28.55 -1.33
CA VAL C 69 25.53 29.70 -2.23
C VAL C 69 25.93 30.92 -1.44
N ARG C 70 25.08 31.30 -0.49
CA ARG C 70 25.32 32.44 0.39
C ARG C 70 24.30 32.34 1.51
N ALA C 71 24.75 32.61 2.74
CA ALA C 71 23.87 32.64 3.90
C ALA C 71 23.09 31.33 3.96
N ASN C 72 21.76 31.43 3.93
CA ASN C 72 20.93 30.24 4.06
C ASN C 72 20.56 29.58 2.74
N TRP C 73 21.04 30.14 1.62
CA TRP C 73 20.69 29.58 0.31
C TRP C 73 21.62 28.43 -0.09
N ARG C 74 21.02 27.38 -0.61
CA ARG C 74 21.72 26.14 -0.97
C ARG C 74 21.35 25.69 -2.35
N ILE C 75 22.27 24.99 -3.03
CA ILE C 75 21.90 24.24 -4.22
C ILE C 75 21.91 22.77 -3.80
N THR C 76 20.83 22.07 -4.07
CA THR C 76 20.79 20.64 -3.72
C THR C 76 20.70 19.81 -4.98
N PHE C 77 21.19 18.57 -4.92
CA PHE C 77 21.27 17.76 -6.14
C PHE C 77 21.56 16.30 -5.76
N GLN C 78 21.26 15.37 -6.65
N GLN C 78 21.24 15.36 -6.63
CA GLN C 78 21.81 14.02 -6.57
CA GLN C 78 21.79 14.03 -6.57
C GLN C 78 23.07 14.01 -7.38
C GLN C 78 23.06 14.00 -7.39
N PHE C 79 24.02 13.19 -6.95
CA PHE C 79 25.25 13.11 -7.70
C PHE C 79 25.61 11.65 -7.91
N ILE C 80 25.60 11.17 -9.16
CA ILE C 80 25.93 9.76 -9.33
C ILE C 80 26.58 9.52 -10.67
N ASN C 81 27.61 8.67 -10.67
CA ASN C 81 28.35 8.34 -11.88
C ASN C 81 28.80 9.57 -12.68
N GLY C 82 29.30 10.57 -11.96
CA GLY C 82 29.90 11.74 -12.55
C GLY C 82 28.94 12.79 -13.10
N ASP C 83 27.64 12.62 -12.85
CA ASP C 83 26.65 13.60 -13.27
C ASP C 83 25.80 14.07 -12.10
N ALA C 84 25.21 15.27 -12.23
CA ALA C 84 24.32 15.80 -11.20
C ALA C 84 22.86 15.92 -11.70
N TYR C 85 21.91 15.67 -10.81
CA TYR C 85 20.50 15.61 -11.19
C TYR C 85 19.64 16.30 -10.16
N ILE C 86 18.45 16.71 -10.59
N ILE C 86 18.45 16.70 -10.60
CA ILE C 86 17.45 17.29 -9.70
CA ILE C 86 17.43 17.28 -9.72
C ILE C 86 17.98 18.53 -9.01
C ILE C 86 17.98 18.52 -9.02
N LEU C 87 18.67 19.37 -9.78
CA LEU C 87 19.22 20.58 -9.18
C LEU C 87 18.12 21.51 -8.68
N ASN C 88 18.24 21.92 -7.43
CA ASN C 88 17.27 22.78 -6.80
C ASN C 88 17.95 23.92 -6.04
N TYR C 89 17.20 25.00 -5.83
CA TYR C 89 17.68 26.15 -5.08
C TYR C 89 16.76 26.27 -3.89
N GLU C 90 17.32 26.16 -2.69
CA GLU C 90 16.54 26.02 -1.46
C GLU C 90 17.09 26.84 -0.29
N ASP C 91 16.17 27.15 0.63
CA ASP C 91 16.46 27.77 1.91
C ASP C 91 16.68 26.73 2.96
N ALA C 92 17.87 26.70 3.52
CA ALA C 92 18.21 25.67 4.45
C ALA C 92 17.44 25.77 5.74
N HIS C 93 16.75 26.86 5.93
CA HIS C 93 15.92 27.03 7.10
C HIS C 93 14.47 26.65 6.84
N GLY D 2 4.31 -22.85 22.02
CA GLY D 2 3.41 -21.80 21.54
C GLY D 2 2.01 -21.93 22.12
N ILE D 3 1.27 -20.82 22.16
CA ILE D 3 -0.12 -20.90 22.57
C ILE D 3 -0.92 -21.50 21.42
N LYS D 4 -1.71 -22.53 21.72
CA LYS D 4 -2.45 -23.24 20.68
C LYS D 4 -3.96 -23.05 20.76
N SER D 5 -4.47 -22.68 21.93
CA SER D 5 -5.92 -22.50 22.03
C SER D 5 -6.33 -21.67 23.24
N PHE D 6 -7.53 -21.11 23.16
CA PHE D 6 -8.10 -20.24 24.19
C PHE D 6 -9.47 -20.70 24.64
N LYS D 7 -9.73 -20.61 25.93
CA LYS D 7 -11.08 -20.73 26.46
C LYS D 7 -11.71 -19.34 26.59
N HIS D 8 -10.89 -18.39 26.98
CA HIS D 8 -11.33 -17.01 27.24
C HIS D 8 -11.24 -16.15 25.98
N LYS D 9 -12.38 -15.65 25.51
CA LYS D 9 -12.35 -14.94 24.24
C LYS D 9 -11.67 -13.58 24.33
N GLY D 10 -11.67 -12.97 25.51
CA GLY D 10 -10.93 -11.73 25.69
C GLY D 10 -9.43 -11.88 25.53
N LEU D 11 -8.86 -12.93 26.12
CA LEU D 11 -7.46 -13.27 25.87
C LEU D 11 -7.20 -13.58 24.41
N LYS D 12 -8.10 -14.36 23.79
CA LYS D 12 -7.93 -14.70 22.39
C LYS D 12 -7.88 -13.45 21.51
N LEU D 13 -8.80 -12.52 21.72
CA LEU D 13 -8.79 -11.23 21.00
C LEU D 13 -7.52 -10.41 21.17
N LEU D 14 -7.05 -10.39 22.40
CA LEU D 14 -5.84 -9.64 22.74
C LEU D 14 -4.65 -10.25 22.02
N PHE D 15 -4.52 -11.58 22.11
CA PHE D 15 -3.36 -12.25 21.55
C PHE D 15 -3.36 -12.28 20.03
N GLU D 16 -4.52 -12.58 19.45
CA GLU D 16 -4.59 -12.74 18.02
C GLU D 16 -4.72 -11.40 17.26
N LYS D 17 -5.50 -10.45 17.82
CA LYS D 17 -5.83 -9.21 17.12
C LYS D 17 -5.28 -7.95 17.79
N GLY D 18 -4.69 -8.09 18.97
CA GLY D 18 -4.27 -6.94 19.73
C GLY D 18 -5.42 -6.07 20.20
N VAL D 19 -6.63 -6.64 20.22
CA VAL D 19 -7.82 -5.90 20.65
C VAL D 19 -7.93 -6.04 22.15
N THR D 20 -8.09 -4.92 22.86
CA THR D 20 -7.96 -4.90 24.30
C THR D 20 -9.28 -4.85 25.07
N SER D 21 -10.41 -4.85 24.35
CA SER D 21 -11.71 -4.61 24.96
C SER D 21 -12.21 -5.70 25.90
N GLY D 22 -11.65 -6.90 25.77
CA GLY D 22 -12.11 -8.04 26.53
C GLY D 22 -11.36 -8.36 27.82
N VAL D 23 -10.47 -7.47 28.23
CA VAL D 23 -9.78 -7.61 29.51
C VAL D 23 -9.79 -6.22 30.22
N PRO D 24 -9.65 -6.18 31.55
CA PRO D 24 -9.63 -4.89 32.25
C PRO D 24 -8.42 -4.05 31.88
N ALA D 25 -8.64 -2.74 31.71
CA ALA D 25 -7.62 -1.84 31.20
C ALA D 25 -6.40 -1.85 32.06
N GLN D 26 -6.61 -2.05 33.35
CA GLN D 26 -5.55 -1.99 34.32
C GLN D 26 -4.54 -3.07 34.14
N ASP D 27 -5.03 -4.18 33.59
CA ASP D 27 -4.19 -5.36 33.46
C ASP D 27 -3.76 -5.71 32.04
N VAL D 28 -4.12 -4.89 31.05
CA VAL D 28 -3.85 -5.21 29.66
C VAL D 28 -2.38 -5.51 29.43
N ASP D 29 -1.49 -4.66 29.95
CA ASP D 29 -0.08 -4.86 29.69
C ASP D 29 0.48 -6.07 30.47
N ARG D 30 0.06 -6.24 31.71
CA ARG D 30 0.48 -7.43 32.47
C ARG D 30 0.03 -8.72 31.77
N ILE D 31 -1.22 -8.73 31.28
CA ILE D 31 -1.78 -9.87 30.59
C ILE D 31 -1.04 -10.12 29.31
N ASN D 32 -0.80 -9.08 28.51
CA ASN D 32 -0.06 -9.29 27.27
C ASN D 32 1.35 -9.78 27.54
N ASP D 33 2.01 -9.23 28.55
CA ASP D 33 3.40 -9.66 28.83
C ASP D 33 3.40 -11.15 29.13
N ARG D 34 2.43 -11.58 29.94
CA ARG D 34 2.30 -13.00 30.31
C ARG D 34 1.93 -13.88 29.13
N LEU D 35 1.06 -13.41 28.25
CA LEU D 35 0.70 -14.23 27.07
C LEU D 35 1.92 -14.42 26.18
N GLN D 36 2.69 -13.35 25.95
CA GLN D 36 3.88 -13.51 25.10
C GLN D 36 4.91 -14.41 25.77
N ALA D 37 5.02 -14.32 27.09
CA ALA D 37 5.91 -15.22 27.86
C ALA D 37 5.49 -16.68 27.71
N ILE D 38 4.20 -16.95 27.83
CA ILE D 38 3.71 -18.32 27.70
C ILE D 38 3.92 -18.82 26.28
N ASP D 39 3.66 -17.94 25.30
CA ASP D 39 3.85 -18.32 23.91
C ASP D 39 5.30 -18.65 23.56
N THR D 40 6.24 -18.00 24.24
CA THR D 40 7.64 -18.18 23.88
C THR D 40 8.39 -19.05 24.87
N ALA D 41 7.67 -19.62 25.84
CA ALA D 41 8.34 -20.42 26.87
C ALA D 41 8.84 -21.72 26.27
N THR D 42 10.10 -22.05 26.55
CA THR D 42 10.66 -23.30 26.02
C THR D 42 10.15 -24.50 26.81
N GLU D 43 9.89 -24.26 28.09
CA GLU D 43 9.50 -25.31 29.00
C GLU D 43 8.84 -24.66 30.20
N ILE D 44 8.14 -25.45 31.00
CA ILE D 44 7.31 -24.87 32.06
C ILE D 44 8.15 -24.12 33.09
N GLY D 45 9.42 -24.53 33.28
CA GLY D 45 10.30 -23.89 34.25
C GLY D 45 10.57 -22.45 33.87
N GLU D 46 10.48 -22.11 32.59
CA GLU D 46 10.81 -20.75 32.19
C GLU D 46 9.75 -19.79 32.72
N LEU D 47 8.59 -20.34 33.05
CA LEU D 47 7.49 -19.50 33.55
C LEU D 47 7.48 -19.38 35.08
N ASN D 48 8.43 -20.05 35.73
CA ASN D 48 8.51 -20.07 37.19
C ASN D 48 9.29 -18.85 37.68
N ARG D 49 8.84 -17.66 37.27
CA ARG D 49 9.39 -16.38 37.76
C ARG D 49 8.65 -15.92 39.02
N GLN D 50 9.34 -15.24 39.92
CA GLN D 50 8.69 -14.78 41.15
C GLN D 50 7.46 -13.96 40.84
N ILE D 51 7.56 -13.08 39.83
CA ILE D 51 6.41 -12.21 39.52
C ILE D 51 5.23 -12.94 38.87
N TYR D 52 5.40 -14.23 38.52
CA TYR D 52 4.29 -15.02 37.93
C TYR D 52 3.62 -15.97 38.92
N LYS D 53 4.23 -16.28 40.04
CA LYS D 53 3.67 -17.20 41.01
C LYS D 53 3.11 -18.45 40.39
N LEU D 54 3.95 -19.06 39.57
CA LEU D 54 3.54 -20.24 38.83
C LEU D 54 3.17 -21.36 39.79
N HIS D 55 2.00 -21.96 39.59
CA HIS D 55 1.73 -23.17 40.35
C HIS D 55 0.69 -24.06 39.71
N PRO D 56 0.78 -25.36 40.00
CA PRO D 56 -0.14 -26.35 39.42
C PRO D 56 -1.48 -26.34 40.17
N LEU D 57 -2.57 -26.46 39.42
CA LEU D 57 -3.90 -26.55 40.00
C LEU D 57 -4.19 -28.01 40.33
N LYS D 58 -5.25 -28.28 41.10
CA LYS D 58 -5.54 -29.65 41.52
C LYS D 58 -7.01 -29.99 41.41
N GLY D 59 -7.34 -31.24 41.76
CA GLY D 59 -8.73 -31.66 41.71
C GLY D 59 -9.27 -31.76 40.30
N ASP D 60 -10.40 -31.12 40.04
CA ASP D 60 -10.94 -31.13 38.69
C ASP D 60 -10.06 -30.29 37.76
N ARG D 61 -9.06 -29.61 38.32
CA ARG D 61 -8.14 -28.80 37.52
C ARG D 61 -6.74 -29.37 37.53
N GLU D 62 -6.62 -30.62 37.94
CA GLU D 62 -5.42 -31.39 37.71
C GLU D 62 -4.97 -31.25 36.26
N GLY D 63 -3.70 -30.90 36.04
CA GLY D 63 -3.20 -30.74 34.68
C GLY D 63 -3.21 -29.32 34.19
N TYR D 64 -3.75 -28.40 34.98
CA TYR D 64 -3.63 -26.97 34.64
C TYR D 64 -2.56 -26.29 35.49
N TRP D 65 -2.09 -25.17 34.98
CA TRP D 65 -1.16 -24.26 35.67
C TRP D 65 -1.84 -22.91 35.81
N SER D 66 -1.42 -22.16 36.81
CA SER D 66 -1.88 -20.78 37.03
C SER D 66 -0.66 -19.87 37.08
N ILE D 67 -0.73 -18.71 36.44
N ILE D 67 -0.79 -18.70 36.46
CA ILE D 67 0.21 -17.68 36.76
CA ILE D 67 0.16 -17.60 36.54
C ILE D 67 -0.59 -16.45 37.11
C ILE D 67 -0.60 -16.39 37.06
N THR D 68 -0.02 -15.65 37.99
CA THR D 68 -0.74 -14.51 38.56
C THR D 68 -0.47 -13.27 37.74
N VAL D 69 -1.55 -12.54 37.46
CA VAL D 69 -1.51 -11.25 36.81
C VAL D 69 -1.51 -10.17 37.90
N ARG D 70 -2.47 -10.28 38.82
CA ARG D 70 -2.54 -9.32 39.92
C ARG D 70 -3.40 -9.92 40.98
N ALA D 71 -2.82 -10.14 42.17
CA ALA D 71 -3.61 -10.65 43.29
C ALA D 71 -4.42 -11.87 42.90
N ASN D 72 -5.73 -11.73 42.91
CA ASN D 72 -6.66 -12.79 42.54
C ASN D 72 -6.82 -13.09 41.04
N TRP D 73 -6.27 -12.24 40.17
CA TRP D 73 -6.45 -12.47 38.73
C TRP D 73 -5.35 -13.35 38.20
N ARG D 74 -5.74 -14.41 37.48
CA ARG D 74 -4.77 -15.39 37.01
C ARG D 74 -5.04 -15.81 35.59
N ILE D 75 -3.99 -16.21 34.88
CA ILE D 75 -4.09 -16.87 33.58
C ILE D 75 -3.86 -18.33 33.84
N THR D 76 -4.75 -19.16 33.33
CA THR D 76 -4.63 -20.62 33.55
C THR D 76 -4.47 -21.28 32.19
N PHE D 77 -3.84 -22.45 32.16
CA PHE D 77 -3.57 -23.13 30.92
C PHE D 77 -3.07 -24.52 31.21
N GLN D 78 -3.22 -25.40 30.23
N GLN D 78 -3.21 -25.39 30.20
CA GLN D 78 -2.49 -26.66 30.23
CA GLN D 78 -2.53 -26.68 30.16
C GLN D 78 -1.17 -26.42 29.50
C GLN D 78 -1.20 -26.48 29.44
N PHE D 79 -0.11 -27.12 29.89
CA PHE D 79 1.15 -26.97 29.17
C PHE D 79 1.67 -28.35 28.86
N ILE D 80 1.63 -28.71 27.59
CA ILE D 80 1.96 -30.08 27.20
C ILE D 80 2.97 -30.03 26.08
N ASN D 81 4.12 -30.67 26.29
CA ASN D 81 5.16 -30.75 25.30
C ASN D 81 5.40 -29.44 24.61
N GLY D 82 5.66 -28.41 25.40
CA GLY D 82 6.10 -27.14 24.87
C GLY D 82 5.03 -26.20 24.39
N ASP D 83 3.76 -26.61 24.42
CA ASP D 83 2.67 -25.78 23.92
C ASP D 83 1.62 -25.53 25.02
N ALA D 84 0.88 -24.44 24.91
CA ALA D 84 -0.08 -24.11 25.95
C ALA D 84 -1.50 -24.15 25.37
N TYR D 85 -2.43 -24.70 26.14
CA TYR D 85 -3.80 -24.92 25.67
C TYR D 85 -4.77 -24.42 26.69
N ILE D 86 -6.00 -24.15 26.24
CA ILE D 86 -7.13 -23.75 27.09
C ILE D 86 -6.81 -22.50 27.89
N LEU D 87 -6.19 -21.53 27.24
CA LEU D 87 -5.82 -20.28 27.95
C LEU D 87 -7.08 -19.62 28.52
N ASN D 88 -7.06 -19.28 29.80
CA ASN D 88 -8.24 -18.71 30.41
C ASN D 88 -7.80 -17.61 31.37
N TYR D 89 -8.73 -16.71 31.69
CA TYR D 89 -8.45 -15.61 32.57
C TYR D 89 -9.51 -15.67 33.65
N GLU D 90 -9.07 -15.84 34.90
CA GLU D 90 -9.99 -16.21 35.97
C GLU D 90 -9.73 -15.39 37.23
N ASP D 91 -10.80 -15.12 37.96
CA ASP D 91 -10.73 -14.58 39.31
C ASP D 91 -10.47 -15.75 40.29
N ALA D 92 -9.37 -15.69 41.01
CA ALA D 92 -9.05 -16.79 41.93
C ALA D 92 -10.06 -16.91 43.07
N HIS D 93 -10.74 -15.81 43.40
CA HIS D 93 -11.68 -15.82 44.51
C HIS D 93 -12.87 -16.71 44.21
N LYS D 94 -13.05 -17.00 42.93
CA LYS D 94 -14.21 -17.72 42.45
C LYS D 94 -13.89 -19.17 42.11
N LEU D 95 -12.80 -19.66 42.77
CA LEU D 95 -12.40 -21.06 42.72
C LEU D 95 -12.78 -21.71 44.04
N GLY E 2 -10.82 23.38 -18.62
CA GLY E 2 -9.88 22.27 -18.67
C GLY E 2 -8.68 22.48 -17.78
N ILE E 3 -8.07 21.38 -17.34
CA ILE E 3 -6.78 21.43 -16.69
C ILE E 3 -5.67 21.72 -17.72
N LYS E 4 -4.91 22.79 -17.47
CA LYS E 4 -3.94 23.25 -18.47
C LYS E 4 -2.49 23.03 -18.04
N SER E 5 -2.26 22.91 -16.74
CA SER E 5 -0.90 22.66 -16.29
C SER E 5 -0.86 22.07 -14.89
N PHE E 6 0.24 21.38 -14.60
CA PHE E 6 0.48 20.68 -13.35
C PHE E 6 1.77 21.11 -12.69
N LYS E 7 1.71 21.28 -11.38
CA LYS E 7 2.94 21.43 -10.62
C LYS E 7 3.38 20.08 -10.11
N HIS E 8 2.41 19.24 -9.81
CA HIS E 8 2.67 17.95 -9.18
C HIS E 8 2.74 16.86 -10.26
N LYS E 9 3.90 16.21 -10.37
CA LYS E 9 4.11 15.22 -11.42
C LYS E 9 3.22 13.99 -11.23
N GLY E 10 2.92 13.65 -9.99
CA GLY E 10 2.04 12.51 -9.72
C GLY E 10 0.63 12.73 -10.25
N LEU E 11 0.09 13.93 -10.03
CA LEU E 11 -1.22 14.27 -10.56
C LEU E 11 -1.22 14.25 -12.07
N LYS E 12 -0.15 14.79 -12.64
CA LYS E 12 -0.01 14.87 -14.08
C LYS E 12 -0.05 13.47 -14.71
N LEU E 13 0.72 12.56 -14.13
CA LEU E 13 0.78 11.18 -14.64
C LEU E 13 -0.59 10.47 -14.55
N LEU E 14 -1.32 10.71 -13.47
CA LEU E 14 -2.64 10.10 -13.30
C LEU E 14 -3.62 10.67 -14.33
N PHE E 15 -3.65 12.00 -14.44
CA PHE E 15 -4.60 12.61 -15.35
C PHE E 15 -4.27 12.29 -16.80
N GLU E 16 -2.99 12.38 -17.17
CA GLU E 16 -2.63 12.18 -18.56
C GLU E 16 -2.52 10.71 -18.94
N LYS E 17 -1.97 9.88 -18.06
CA LYS E 17 -1.62 8.51 -18.42
C LYS E 17 -2.38 7.42 -17.66
N GLY E 18 -3.15 7.80 -16.65
CA GLY E 18 -3.80 6.80 -15.81
C GLY E 18 -2.80 6.08 -14.94
N VAL E 19 -1.57 6.59 -14.93
CA VAL E 19 -0.50 6.06 -14.11
C VAL E 19 -0.64 6.56 -12.69
N THR E 20 -0.74 5.62 -11.75
CA THR E 20 -1.17 5.94 -10.39
C THR E 20 -0.08 5.91 -9.33
N SER E 21 1.14 5.65 -9.73
CA SER E 21 2.19 5.45 -8.75
C SER E 21 2.57 6.72 -8.01
N GLY E 22 2.17 7.88 -8.53
CA GLY E 22 2.63 9.11 -7.94
C GLY E 22 1.69 9.72 -6.94
N VAL E 23 0.63 9.00 -6.60
CA VAL E 23 -0.27 9.39 -5.53
C VAL E 23 -0.54 8.15 -4.66
N PRO E 24 -0.93 8.34 -3.40
CA PRO E 24 -1.24 7.20 -2.53
C PRO E 24 -2.27 6.25 -3.15
N ALA E 25 -2.02 4.94 -3.07
CA ALA E 25 -2.90 3.95 -3.67
C ALA E 25 -4.35 4.05 -3.15
N GLN E 26 -4.50 4.40 -1.87
CA GLN E 26 -5.80 4.59 -1.24
C GLN E 26 -6.67 5.60 -1.96
N ASP E 27 -6.04 6.63 -2.51
CA ASP E 27 -6.75 7.83 -2.90
C ASP E 27 -6.85 8.04 -4.41
N VAL E 28 -6.36 7.07 -5.19
CA VAL E 28 -6.41 7.14 -6.64
C VAL E 28 -7.83 7.46 -7.12
N ASP E 29 -8.76 6.75 -6.52
CA ASP E 29 -10.16 6.92 -6.81
C ASP E 29 -10.66 8.38 -6.62
N ARG E 30 -10.43 8.90 -5.46
CA ARG E 30 -10.90 10.22 -5.08
C ARG E 30 -10.23 11.25 -5.90
N ILE E 31 -8.94 11.04 -6.15
CA ILE E 31 -8.15 12.00 -6.89
C ILE E 31 -8.58 12.06 -8.31
N ASN E 32 -8.71 10.91 -8.92
CA ASN E 32 -9.22 10.84 -10.28
C ASN E 32 -10.54 11.60 -10.42
N ASP E 33 -11.47 11.35 -9.49
CA ASP E 33 -12.78 11.99 -9.49
C ASP E 33 -12.65 13.51 -9.42
N ARG E 34 -11.80 13.97 -8.51
CA ARG E 34 -11.64 15.41 -8.32
C ARG E 34 -10.91 16.04 -9.51
N LEU E 35 -9.97 15.32 -10.09
CA LEU E 35 -9.30 15.84 -11.27
C LEU E 35 -10.29 15.94 -12.42
N GLN E 36 -11.16 14.97 -12.55
CA GLN E 36 -12.16 15.03 -13.58
C GLN E 36 -13.13 16.20 -13.34
N ALA E 37 -13.51 16.41 -12.09
CA ALA E 37 -14.38 17.51 -11.75
C ALA E 37 -13.74 18.84 -12.11
N ILE E 38 -12.46 19.01 -11.78
CA ILE E 38 -11.77 20.27 -12.07
C ILE E 38 -11.64 20.49 -13.58
N ASP E 39 -11.29 19.43 -14.30
CA ASP E 39 -11.12 19.50 -15.74
C ASP E 39 -12.41 19.87 -16.49
N THR E 40 -13.57 19.56 -15.93
CA THR E 40 -14.80 19.83 -16.66
C THR E 40 -15.51 21.06 -16.12
N ALA E 41 -15.01 21.64 -15.03
CA ALA E 41 -15.67 22.83 -14.47
C ALA E 41 -15.45 24.04 -15.36
N THR E 42 -16.48 24.89 -15.43
CA THR E 42 -16.43 26.13 -16.20
C THR E 42 -16.37 27.34 -15.28
N GLU E 43 -16.72 27.14 -14.01
CA GLU E 43 -16.78 28.22 -13.02
C GLU E 43 -16.52 27.57 -11.68
N ILE E 44 -16.02 28.34 -10.73
CA ILE E 44 -15.57 27.75 -9.48
C ILE E 44 -16.73 27.18 -8.63
N GLY E 45 -17.96 27.63 -8.85
CA GLY E 45 -19.11 27.10 -8.12
C GLY E 45 -19.39 25.65 -8.41
N GLU E 46 -18.93 25.19 -9.58
CA GLU E 46 -19.06 23.80 -9.97
C GLU E 46 -18.10 22.91 -9.20
N LEU E 47 -17.26 23.53 -8.38
CA LEU E 47 -16.33 22.72 -7.58
C LEU E 47 -16.66 22.86 -6.10
N ASN E 48 -17.86 23.34 -5.81
CA ASN E 48 -18.19 23.76 -4.44
C ASN E 48 -19.11 22.74 -3.77
N ARG E 49 -18.90 21.45 -4.03
CA ARG E 49 -19.73 20.48 -3.34
C ARG E 49 -19.22 20.33 -1.92
N GLN E 50 -20.12 19.97 -0.99
CA GLN E 50 -19.78 19.99 0.43
C GLN E 50 -18.53 19.19 0.75
N ILE E 51 -18.38 18.03 0.13
CA ILE E 51 -17.30 17.15 0.57
C ILE E 51 -15.93 17.69 0.15
N TYR E 52 -15.91 18.62 -0.79
CA TYR E 52 -14.66 19.20 -1.30
C TYR E 52 -14.11 20.30 -0.38
N LYS E 53 -14.97 20.89 0.44
CA LYS E 53 -14.62 22.03 1.26
C LYS E 53 -13.75 23.02 0.47
N LEU E 54 -14.30 23.52 -0.61
CA LEU E 54 -13.65 24.47 -1.49
C LEU E 54 -13.40 25.76 -0.76
N HIS E 55 -12.18 26.28 -0.85
CA HIS E 55 -11.90 27.61 -0.31
C HIS E 55 -10.71 28.25 -0.98
N PRO E 56 -10.72 29.57 -1.09
CA PRO E 56 -9.53 30.26 -1.60
C PRO E 56 -8.44 30.30 -0.54
N LEU E 57 -7.19 30.26 -0.99
CA LEU E 57 -6.05 30.27 -0.08
C LEU E 57 -5.55 31.70 0.03
N LYS E 58 -4.58 31.90 0.93
CA LYS E 58 -4.14 33.24 1.31
C LYS E 58 -2.64 33.36 1.32
N GLY E 59 -2.13 34.56 1.53
CA GLY E 59 -0.70 34.77 1.63
C GLY E 59 -0.01 34.56 0.30
N ASP E 60 1.00 33.71 0.32
CA ASP E 60 1.74 33.41 -0.91
C ASP E 60 0.89 32.53 -1.79
N ARG E 61 -0.25 32.09 -1.27
CA ARG E 61 -1.16 31.28 -2.08
C ARG E 61 -2.45 32.03 -2.44
N GLU E 62 -2.44 33.35 -2.34
CA GLU E 62 -3.58 34.14 -2.83
C GLU E 62 -3.75 33.92 -4.32
N GLY E 63 -4.98 33.65 -4.76
CA GLY E 63 -5.24 33.39 -6.16
C GLY E 63 -5.25 31.92 -6.47
N TYR E 64 -5.11 31.10 -5.43
CA TYR E 64 -5.23 29.65 -5.52
C TYR E 64 -6.48 29.19 -4.78
N TRP E 65 -6.98 28.03 -5.19
CA TRP E 65 -8.10 27.36 -4.53
C TRP E 65 -7.63 26.01 -4.00
N SER E 66 -8.35 25.51 -3.01
CA SER E 66 -8.03 24.24 -2.42
C SER E 66 -9.31 23.41 -2.33
N ILE E 67 -9.24 22.15 -2.77
CA ILE E 67 -10.29 21.19 -2.43
C ILE E 67 -9.72 19.97 -1.73
N THR E 68 -10.53 19.38 -0.84
CA THR E 68 -10.10 18.23 -0.06
C THR E 68 -10.21 16.94 -0.80
N VAL E 69 -9.14 16.14 -0.73
CA VAL E 69 -9.16 14.77 -1.26
C VAL E 69 -9.61 13.82 -0.14
N ARG E 70 -8.79 13.72 0.89
CA ARG E 70 -9.14 12.99 2.09
C ARG E 70 -8.27 13.55 3.20
N ALA E 71 -8.89 13.79 4.35
CA ALA E 71 -8.21 14.27 5.56
C ALA E 71 -7.46 15.57 5.31
N ASN E 72 -6.15 15.56 5.56
CA ASN E 72 -5.30 16.72 5.33
C ASN E 72 -4.80 16.87 3.89
N TRP E 73 -5.16 15.98 2.99
CA TRP E 73 -4.59 16.09 1.65
C TRP E 73 -5.50 16.87 0.74
N ARG E 74 -4.91 17.78 -0.03
CA ARG E 74 -5.67 18.69 -0.90
C ARG E 74 -5.12 18.77 -2.31
N ILE E 75 -5.99 19.13 -3.24
CA ILE E 75 -5.62 19.51 -4.58
C ILE E 75 -5.75 21.02 -4.65
N THR E 76 -4.68 21.68 -5.04
CA THR E 76 -4.73 23.13 -5.18
C THR E 76 -4.48 23.55 -6.62
N PHE E 77 -5.01 24.70 -6.98
CA PHE E 77 -5.00 25.13 -8.38
C PHE E 77 -5.37 26.59 -8.48
N GLN E 78 -4.90 27.25 -9.53
CA GLN E 78 -5.46 28.53 -9.93
C GLN E 78 -6.60 28.26 -10.90
N PHE E 79 -7.62 29.12 -10.89
CA PHE E 79 -8.72 28.93 -11.82
C PHE E 79 -9.01 30.26 -12.50
N ILE E 80 -8.87 30.33 -13.83
CA ILE E 80 -9.20 31.57 -14.54
C ILE E 80 -9.66 31.29 -15.97
N ASN E 81 -10.66 32.05 -16.43
CA ASN E 81 -11.22 31.93 -17.77
C ASN E 81 -11.68 30.54 -18.07
N GLY E 82 -12.18 29.87 -17.05
CA GLY E 82 -12.74 28.55 -17.20
C GLY E 82 -11.72 27.42 -17.30
N ASP E 83 -10.46 27.71 -16.96
CA ASP E 83 -9.39 26.72 -16.98
C ASP E 83 -8.66 26.68 -15.63
N ALA E 84 -8.07 25.53 -15.31
CA ALA E 84 -7.33 25.37 -14.08
C ALA E 84 -5.84 25.19 -14.39
N TYR E 85 -5.03 25.84 -13.58
CA TYR E 85 -3.59 25.85 -13.77
C TYR E 85 -2.88 25.49 -12.48
N ILE E 86 -1.65 25.02 -12.64
CA ILE E 86 -0.72 24.78 -11.54
C ILE E 86 -1.29 23.76 -10.56
N LEU E 87 -1.89 22.70 -11.08
CA LEU E 87 -2.44 21.70 -10.18
C LEU E 87 -1.39 21.07 -9.29
N ASN E 88 -1.68 21.01 -8.00
CA ASN E 88 -0.75 20.48 -7.03
C ASN E 88 -1.49 19.60 -6.01
N TYR E 89 -0.75 18.68 -5.41
CA TYR E 89 -1.28 17.79 -4.41
C TYR E 89 -0.48 18.05 -3.14
N GLU E 90 -1.13 18.51 -2.08
CA GLU E 90 -0.34 18.82 -0.91
C GLU E 90 -1.01 18.54 0.43
N ASP E 91 -0.16 18.48 1.44
CA ASP E 91 -0.52 18.23 2.83
C ASP E 91 -0.90 19.54 3.50
N ALA E 92 -2.18 19.68 3.84
CA ALA E 92 -2.62 20.90 4.52
C ALA E 92 -1.92 21.12 5.87
N HIS E 93 -1.43 20.04 6.49
CA HIS E 93 -0.77 20.19 7.79
C HIS E 93 0.62 20.81 7.69
N LYS E 94 1.16 20.91 6.49
CA LYS E 94 2.46 21.55 6.30
C LYS E 94 2.29 23.06 6.12
N LEU E 95 1.07 23.46 5.91
CA LEU E 95 0.75 24.83 5.69
C LEU E 95 0.82 25.53 7.01
N GLY E 96 1.19 26.79 6.96
CA GLY E 96 1.35 27.60 8.15
C GLY E 96 0.09 28.31 8.49
N PRO E 97 0.10 28.92 9.77
CA PRO E 97 -1.18 29.51 10.15
C PRO E 97 -1.61 30.60 9.17
N GLU E 98 -0.59 31.26 8.65
CA GLU E 98 -0.77 32.47 7.89
C GLU E 98 -1.27 32.18 6.48
N GLN E 99 -1.20 30.89 6.15
CA GLN E 99 -1.52 30.39 4.87
C GLN E 99 -2.90 29.77 4.81
N GLY F 2 -12.96 -4.94 1.08
CA GLY F 2 -13.76 -3.79 0.66
C GLY F 2 -15.09 -3.78 1.36
N ILE F 3 -15.73 -2.62 1.39
CA ILE F 3 -17.12 -2.55 1.84
C ILE F 3 -18.03 -3.13 0.76
N LYS F 4 -18.82 -4.12 1.13
CA LYS F 4 -19.62 -4.84 0.14
C LYS F 4 -21.12 -4.57 0.28
N SER F 5 -21.53 -4.05 1.42
CA SER F 5 -22.91 -3.66 1.65
C SER F 5 -23.11 -2.66 2.78
N PHE F 6 -24.18 -1.86 2.64
CA PHE F 6 -24.59 -0.86 3.59
C PHE F 6 -25.98 -1.14 4.10
N LYS F 7 -26.19 -0.85 5.38
CA LYS F 7 -27.49 -0.87 6.00
C LYS F 7 -27.97 0.56 6.27
N HIS F 8 -27.05 1.52 6.18
CA HIS F 8 -27.40 2.92 6.40
C HIS F 8 -27.24 3.73 5.12
N LYS F 9 -28.32 4.35 4.67
CA LYS F 9 -28.32 4.97 3.35
C LYS F 9 -27.49 6.26 3.33
N GLY F 10 -27.42 6.95 4.46
CA GLY F 10 -26.55 8.11 4.57
C GLY F 10 -25.10 7.70 4.30
N LEU F 11 -24.67 6.62 4.94
CA LEU F 11 -23.31 6.13 4.76
C LEU F 11 -23.09 5.74 3.32
N LYS F 12 -24.05 5.06 2.71
CA LYS F 12 -23.95 4.60 1.34
C LYS F 12 -23.80 5.79 0.38
N LEU F 13 -24.65 6.79 0.54
CA LEU F 13 -24.57 8.01 -0.27
C LEU F 13 -23.23 8.68 -0.15
N LEU F 14 -22.71 8.76 1.07
CA LEU F 14 -21.43 9.41 1.30
C LEU F 14 -20.30 8.65 0.63
N PHE F 15 -20.29 7.34 0.83
CA PHE F 15 -19.22 6.49 0.29
C PHE F 15 -19.26 6.38 -1.25
N GLU F 16 -20.46 6.18 -1.80
CA GLU F 16 -20.61 5.92 -3.24
C GLU F 16 -20.73 7.15 -4.12
N LYS F 17 -21.28 8.22 -3.59
CA LYS F 17 -21.59 9.41 -4.41
C LYS F 17 -20.93 10.67 -3.89
N GLY F 18 -20.33 10.56 -2.71
CA GLY F 18 -19.72 11.71 -2.09
C GLY F 18 -20.75 12.76 -1.70
N VAL F 19 -21.98 12.30 -1.41
CA VAL F 19 -23.09 13.20 -1.04
C VAL F 19 -23.26 13.17 0.49
N THR F 20 -23.30 14.34 1.10
CA THR F 20 -23.27 14.45 2.56
C THR F 20 -24.62 14.51 3.23
N SER F 21 -25.70 14.43 2.46
CA SER F 21 -27.04 14.71 2.96
C SER F 21 -27.44 13.89 4.20
N GLY F 22 -26.90 12.67 4.31
CA GLY F 22 -27.43 11.73 5.29
C GLY F 22 -26.57 11.49 6.51
N VAL F 23 -25.56 12.33 6.69
CA VAL F 23 -24.70 12.27 7.88
C VAL F 23 -24.51 13.70 8.40
N PRO F 24 -24.11 13.86 9.67
CA PRO F 24 -23.86 15.20 10.20
C PRO F 24 -22.66 15.89 9.56
N ALA F 25 -22.84 17.17 9.24
CA ALA F 25 -21.87 17.95 8.48
C ALA F 25 -20.48 17.93 9.06
N GLN F 26 -20.35 18.12 10.37
CA GLN F 26 -19.04 18.28 10.99
C GLN F 26 -18.30 16.95 11.05
N ASP F 27 -19.01 15.86 10.75
CA ASP F 27 -18.47 14.52 10.89
C ASP F 27 -18.20 13.83 9.56
N VAL F 28 -18.46 14.54 8.46
CA VAL F 28 -18.23 14.01 7.14
C VAL F 28 -16.80 13.54 6.96
N ASP F 29 -15.81 14.33 7.36
CA ASP F 29 -14.43 13.93 7.15
C ASP F 29 -14.10 12.71 8.02
N ARG F 30 -14.60 12.71 9.26
CA ARG F 30 -14.34 11.58 10.15
C ARG F 30 -14.97 10.31 9.62
N ILE F 31 -16.20 10.40 9.12
CA ILE F 31 -16.90 9.23 8.66
C ILE F 31 -16.22 8.73 7.40
N ASN F 32 -15.88 9.65 6.51
CA ASN F 32 -15.15 9.28 5.30
C ASN F 32 -13.85 8.54 5.57
N ASP F 33 -13.09 9.06 6.52
CA ASP F 33 -11.81 8.46 6.83
C ASP F 33 -12.02 7.05 7.33
N ARG F 34 -13.04 6.88 8.18
CA ARG F 34 -13.30 5.57 8.78
C ARG F 34 -13.87 4.60 7.75
N LEU F 35 -14.73 5.07 6.87
CA LEU F 35 -15.23 4.18 5.83
C LEU F 35 -14.08 3.75 4.95
N GLN F 36 -13.15 4.65 4.63
CA GLN F 36 -12.03 4.22 3.80
C GLN F 36 -11.10 3.25 4.56
N ALA F 37 -10.94 3.44 5.86
CA ALA F 37 -10.15 2.52 6.67
C ALA F 37 -10.77 1.13 6.60
N ILE F 38 -12.10 1.08 6.77
CA ILE F 38 -12.81 -0.20 6.71
C ILE F 38 -12.72 -0.81 5.32
N ASP F 39 -12.82 0.02 4.28
CA ASP F 39 -12.79 -0.47 2.90
C ASP F 39 -11.45 -1.07 2.54
N THR F 40 -10.37 -0.55 3.14
CA THR F 40 -9.01 -0.97 2.81
C THR F 40 -8.52 -2.14 3.67
N ALA F 41 -9.15 -2.36 4.82
CA ALA F 41 -8.68 -3.40 5.74
C ALA F 41 -8.79 -4.82 5.17
N THR F 42 -7.79 -5.65 5.46
CA THR F 42 -7.85 -7.08 5.07
C THR F 42 -8.27 -7.95 6.24
N GLU F 43 -8.05 -7.45 7.45
CA GLU F 43 -8.50 -8.17 8.64
C GLU F 43 -8.76 -7.19 9.78
N ILE F 44 -9.53 -7.63 10.77
CA ILE F 44 -10.07 -6.71 11.74
C ILE F 44 -9.00 -6.04 12.60
N GLY F 45 -7.91 -6.74 12.87
CA GLY F 45 -6.81 -6.15 13.63
C GLY F 45 -6.24 -4.88 13.01
N GLU F 46 -6.44 -4.70 11.70
CA GLU F 46 -5.91 -3.50 11.03
C GLU F 46 -6.76 -2.28 11.37
N LEU F 47 -7.99 -2.54 11.79
CA LEU F 47 -8.94 -1.46 12.17
C LEU F 47 -8.82 -1.05 13.64
N ASN F 48 -7.79 -1.54 14.30
CA ASN F 48 -7.65 -1.36 15.73
C ASN F 48 -6.81 -0.15 16.09
N ARG F 49 -7.03 0.94 15.36
CA ARG F 49 -6.39 2.20 15.71
C ARG F 49 -6.90 2.63 17.06
N GLN F 50 -6.01 3.08 17.94
CA GLN F 50 -6.47 3.31 19.30
C GLN F 50 -7.64 4.29 19.40
N ILE F 51 -7.66 5.36 18.60
CA ILE F 51 -8.79 6.31 18.71
C ILE F 51 -10.13 5.72 18.23
N TYR F 52 -10.10 4.63 17.47
CA TYR F 52 -11.35 4.01 17.02
C TYR F 52 -12.10 3.25 18.11
N LYS F 53 -11.41 2.85 19.19
CA LYS F 53 -12.00 2.01 20.19
C LYS F 53 -12.72 0.84 19.61
N LEU F 54 -12.05 0.11 18.75
CA LEU F 54 -12.62 -1.04 18.10
C LEU F 54 -13.01 -2.10 19.13
N HIS F 55 -14.24 -2.59 19.03
CA HIS F 55 -14.65 -3.68 19.90
C HIS F 55 -15.78 -4.49 19.28
N PRO F 56 -15.86 -5.77 19.66
CA PRO F 56 -16.93 -6.64 19.14
C PRO F 56 -18.22 -6.41 19.89
N LEU F 57 -19.33 -6.52 19.18
CA LEU F 57 -20.64 -6.46 19.81
C LEU F 57 -21.05 -7.90 20.22
N LYS F 58 -22.10 -8.02 21.03
CA LYS F 58 -22.41 -9.28 21.70
C LYS F 58 -23.87 -9.67 21.51
N GLY F 59 -24.18 -10.90 21.89
CA GLY F 59 -25.56 -11.36 21.90
C GLY F 59 -26.14 -11.43 20.51
N ASP F 60 -27.25 -10.74 20.31
CA ASP F 60 -27.87 -10.82 18.99
C ASP F 60 -27.05 -10.05 17.98
N ARG F 61 -26.13 -9.22 18.46
CA ARG F 61 -25.16 -8.56 17.60
C ARG F 61 -23.80 -9.21 17.57
N GLU F 62 -23.71 -10.46 17.99
CA GLU F 62 -22.44 -11.16 17.86
C GLU F 62 -22.09 -11.28 16.40
N GLY F 63 -20.83 -11.00 16.06
CA GLY F 63 -20.41 -10.99 14.68
C GLY F 63 -20.28 -9.60 14.12
N TYR F 64 -20.77 -8.61 14.86
CA TYR F 64 -20.59 -7.20 14.47
C TYR F 64 -19.47 -6.55 15.27
N TRP F 65 -18.90 -5.51 14.67
CA TRP F 65 -17.86 -4.71 15.32
C TRP F 65 -18.33 -3.26 15.34
N SER F 66 -17.76 -2.52 16.23
CA SER F 66 -18.09 -1.16 16.36
C SER F 66 -16.87 -0.30 16.49
N ILE F 67 -16.85 0.80 15.75
CA ILE F 67 -15.82 1.77 15.87
C ILE F 67 -16.41 3.17 16.09
N THR F 68 -15.71 3.97 16.86
CA THR F 68 -16.17 5.29 17.20
C THR F 68 -15.87 6.32 16.15
N VAL F 69 -16.88 7.13 15.84
CA VAL F 69 -16.70 8.24 14.92
C VAL F 69 -16.34 9.46 15.74
N ARG F 70 -17.21 9.82 16.67
CA ARG F 70 -16.97 10.89 17.61
C ARG F 70 -17.99 10.71 18.72
N ALA F 71 -17.56 10.86 19.96
CA ALA F 71 -18.47 10.81 21.10
C ALA F 71 -19.31 9.54 21.10
N ASN F 72 -20.63 9.67 21.10
CA ASN F 72 -21.51 8.50 21.15
C ASN F 72 -21.84 7.91 19.77
N TRP F 73 -21.25 8.46 18.71
CA TRP F 73 -21.53 7.97 17.37
C TRP F 73 -20.62 6.83 16.94
N ARG F 74 -21.21 5.81 16.30
CA ARG F 74 -20.49 4.58 15.92
C ARG F 74 -20.75 4.18 14.50
N ILE F 75 -19.75 3.59 13.86
CA ILE F 75 -19.99 2.81 12.66
C ILE F 75 -19.91 1.33 13.05
N THR F 76 -20.93 0.57 12.68
CA THR F 76 -20.94 -0.86 12.97
C THR F 76 -20.97 -1.66 11.68
N PHE F 77 -20.46 -2.88 11.73
CA PHE F 77 -20.29 -3.71 10.53
C PHE F 77 -19.94 -5.12 10.92
N GLN F 78 -20.19 -6.06 10.01
CA GLN F 78 -19.58 -7.39 10.10
C GLN F 78 -18.27 -7.34 9.31
N PHE F 79 -17.29 -8.12 9.72
CA PHE F 79 -16.06 -8.17 8.94
C PHE F 79 -15.66 -9.62 8.75
N ILE F 80 -15.68 -10.09 7.50
CA ILE F 80 -15.63 -11.52 7.20
C ILE F 80 -14.80 -11.72 5.95
N ASN F 81 -13.73 -12.50 6.06
CA ASN F 81 -12.86 -12.85 4.93
C ASN F 81 -12.45 -11.65 4.08
N GLY F 82 -11.93 -10.63 4.77
CA GLY F 82 -11.37 -9.48 4.13
C GLY F 82 -12.33 -8.42 3.61
N ASP F 83 -13.63 -8.56 3.89
CA ASP F 83 -14.60 -7.56 3.48
C ASP F 83 -15.53 -7.17 4.61
N ALA F 84 -16.17 -6.00 4.47
CA ALA F 84 -17.08 -5.49 5.48
C ALA F 84 -18.51 -5.46 4.96
N TYR F 85 -19.45 -5.83 5.82
CA TYR F 85 -20.85 -5.93 5.44
C TYR F 85 -21.76 -5.25 6.43
N ILE F 86 -22.93 -4.81 5.95
CA ILE F 86 -24.00 -4.27 6.81
C ILE F 86 -23.53 -3.01 7.52
N LEU F 87 -22.81 -2.16 6.80
CA LEU F 87 -22.32 -0.91 7.39
C LEU F 87 -23.47 -0.08 7.92
N ASN F 88 -23.39 0.31 9.19
CA ASN F 88 -24.42 1.13 9.81
C ASN F 88 -23.81 2.29 10.60
N TYR F 89 -24.61 3.32 10.81
CA TYR F 89 -24.27 4.47 11.65
C TYR F 89 -25.28 4.49 12.80
N GLU F 90 -24.78 4.36 14.03
CA GLU F 90 -25.62 4.04 15.17
C GLU F 90 -25.31 4.93 16.33
N ASP F 91 -26.34 5.13 17.14
CA ASP F 91 -26.15 5.82 18.38
C ASP F 91 -25.93 4.75 19.44
N ALA F 92 -24.79 4.83 20.11
CA ALA F 92 -24.59 4.02 21.31
C ALA F 92 -25.43 4.58 22.46
N HIS F 93 -26.73 4.31 22.44
CA HIS F 93 -27.64 4.70 23.53
C HIS F 93 -28.90 3.85 23.49
N GLY G 2 -11.37 -7.55 -30.22
CA GLY G 2 -12.23 -6.48 -30.67
C GLY G 2 -13.62 -6.62 -30.10
N ILE G 3 -14.39 -5.52 -30.08
CA ILE G 3 -15.79 -5.63 -29.73
C ILE G 3 -16.54 -6.27 -30.90
N LYS G 4 -17.33 -7.29 -30.59
CA LYS G 4 -18.02 -8.05 -31.62
C LYS G 4 -19.53 -7.90 -31.56
N SER G 5 -20.08 -7.44 -30.44
CA SER G 5 -21.53 -7.29 -30.34
C SER G 5 -21.92 -6.40 -29.16
N PHE G 6 -23.08 -5.77 -29.31
CA PHE G 6 -23.65 -4.86 -28.35
C PHE G 6 -25.02 -5.31 -27.90
N LYS G 7 -25.28 -5.19 -26.62
CA LYS G 7 -26.64 -5.28 -26.12
C LYS G 7 -27.25 -3.88 -26.05
N HIS G 8 -26.41 -2.91 -25.72
CA HIS G 8 -26.88 -1.56 -25.46
C HIS G 8 -26.78 -0.68 -26.72
N LYS G 9 -27.92 -0.16 -27.17
CA LYS G 9 -27.99 0.64 -28.39
C LYS G 9 -27.16 1.94 -28.36
N GLY G 10 -27.12 2.58 -27.20
CA GLY G 10 -26.34 3.80 -27.04
C GLY G 10 -24.85 3.56 -27.18
N LEU G 11 -24.38 2.49 -26.56
CA LEU G 11 -22.97 2.12 -26.73
C LEU G 11 -22.64 1.81 -28.19
N LYS G 12 -23.56 1.09 -28.83
CA LYS G 12 -23.36 0.67 -30.19
C LYS G 12 -23.26 1.88 -31.12
N LEU G 13 -24.16 2.81 -30.93
CA LEU G 13 -24.15 4.04 -31.71
C LEU G 13 -22.88 4.87 -31.52
N LEU G 14 -22.43 4.95 -30.27
CA LEU G 14 -21.24 5.68 -29.97
C LEU G 14 -20.02 5.03 -30.64
N PHE G 15 -19.89 3.71 -30.48
CA PHE G 15 -18.72 3.04 -31.02
C PHE G 15 -18.72 2.96 -32.54
N GLU G 16 -19.89 2.71 -33.14
CA GLU G 16 -19.95 2.45 -34.56
C GLU G 16 -20.00 3.73 -35.38
N LYS G 17 -20.73 4.73 -34.89
CA LYS G 17 -21.05 5.91 -35.67
C LYS G 17 -20.50 7.18 -35.05
N GLY G 18 -19.96 7.09 -33.83
CA GLY G 18 -19.50 8.28 -33.12
C GLY G 18 -20.63 9.19 -32.69
N VAL G 19 -21.85 8.67 -32.71
CA VAL G 19 -23.02 9.41 -32.27
C VAL G 19 -23.16 9.27 -30.79
N THR G 20 -23.19 10.43 -30.11
CA THR G 20 -23.00 10.47 -28.66
C THR G 20 -24.28 10.56 -27.83
N SER G 21 -25.45 10.55 -28.46
CA SER G 21 -26.70 10.89 -27.77
C SER G 21 -27.29 9.78 -26.88
N GLY G 22 -26.84 8.56 -27.07
CA GLY G 22 -27.40 7.41 -26.35
C GLY G 22 -26.76 7.13 -24.99
N VAL G 23 -25.87 8.01 -24.57
CA VAL G 23 -25.25 7.91 -23.26
C VAL G 23 -25.32 9.30 -22.66
N PRO G 24 -25.18 9.41 -21.33
CA PRO G 24 -25.22 10.79 -20.82
C PRO G 24 -24.11 11.67 -21.38
N ALA G 25 -24.46 12.92 -21.66
CA ALA G 25 -23.53 13.84 -22.29
C ALA G 25 -22.23 13.90 -21.51
N GLN G 26 -22.34 13.91 -20.19
CA GLN G 26 -21.16 14.11 -19.36
C GLN G 26 -20.25 12.89 -19.31
N ASP G 27 -20.76 11.76 -19.76
CA ASP G 27 -19.95 10.54 -19.73
C ASP G 27 -19.43 10.08 -21.10
N VAL G 28 -19.69 10.84 -22.16
CA VAL G 28 -19.27 10.45 -23.50
C VAL G 28 -17.78 10.12 -23.58
N ASP G 29 -16.93 11.00 -23.06
CA ASP G 29 -15.49 10.76 -23.15
C ASP G 29 -15.03 9.56 -22.32
N ARG G 30 -15.57 9.43 -21.11
CA ARG G 30 -15.29 8.25 -20.27
C ARG G 30 -15.69 6.95 -20.93
N ILE G 31 -16.90 6.95 -21.45
CA ILE G 31 -17.40 5.74 -22.06
C ILE G 31 -16.61 5.46 -23.32
N ASN G 32 -16.38 6.47 -24.15
CA ASN G 32 -15.64 6.21 -25.36
C ASN G 32 -14.26 5.68 -25.05
N ASP G 33 -13.61 6.24 -24.03
CA ASP G 33 -12.25 5.81 -23.73
C ASP G 33 -12.25 4.35 -23.30
N ARG G 34 -13.25 3.96 -22.52
CA ARG G 34 -13.36 2.57 -22.09
C ARG G 34 -13.72 1.63 -23.24
N LEU G 35 -14.63 2.05 -24.12
CA LEU G 35 -14.92 1.20 -25.28
C LEU G 35 -13.70 0.97 -26.18
N GLN G 36 -12.91 2.02 -26.41
CA GLN G 36 -11.69 1.84 -27.21
C GLN G 36 -10.72 0.92 -26.50
N ALA G 37 -10.61 1.06 -25.19
CA ALA G 37 -9.72 0.18 -24.42
C ALA G 37 -10.19 -1.27 -24.51
N ILE G 38 -11.49 -1.50 -24.35
CA ILE G 38 -12.00 -2.89 -24.49
C ILE G 38 -11.79 -3.43 -25.91
N ASP G 39 -12.04 -2.60 -26.94
CA ASP G 39 -11.83 -3.01 -28.31
C ASP G 39 -10.38 -3.40 -28.62
N THR G 40 -9.43 -2.70 -28.00
CA THR G 40 -8.02 -2.96 -28.28
C THR G 40 -7.37 -3.94 -27.31
N ALA G 41 -8.10 -4.37 -26.30
CA ALA G 41 -7.56 -5.37 -25.37
C ALA G 41 -7.46 -6.74 -26.04
N THR G 42 -6.36 -7.42 -25.81
CA THR G 42 -6.18 -8.73 -26.45
C THR G 42 -6.27 -9.82 -25.41
N GLU G 43 -6.36 -9.42 -24.14
CA GLU G 43 -6.60 -10.37 -23.05
C GLU G 43 -7.21 -9.58 -21.90
N ILE G 44 -7.95 -10.26 -21.04
CA ILE G 44 -8.79 -9.57 -20.06
C ILE G 44 -7.90 -8.85 -19.08
N GLY G 45 -6.70 -9.38 -18.85
CA GLY G 45 -5.80 -8.77 -17.90
C GLY G 45 -5.37 -7.36 -18.28
N GLU G 46 -5.40 -7.07 -19.57
CA GLU G 46 -4.99 -5.76 -20.06
C GLU G 46 -5.95 -4.67 -19.54
N LEU G 47 -7.17 -5.09 -19.22
CA LEU G 47 -8.19 -4.14 -18.76
C LEU G 47 -8.19 -4.00 -17.24
N ASN G 48 -7.29 -4.70 -16.56
CA ASN G 48 -7.18 -4.56 -15.12
C ASN G 48 -6.32 -3.36 -14.73
N ARG G 49 -6.76 -2.17 -15.13
CA ARG G 49 -6.13 -0.92 -14.71
C ARG G 49 -6.91 -0.44 -13.53
N GLN G 50 -6.21 0.11 -12.53
CA GLN G 50 -6.84 0.43 -11.27
C GLN G 50 -8.10 1.29 -11.42
N ILE G 51 -8.05 2.29 -12.30
CA ILE G 51 -9.17 3.21 -12.45
C ILE G 51 -10.43 2.53 -13.01
N TYR G 52 -10.23 1.44 -13.74
CA TYR G 52 -11.35 0.72 -14.34
C TYR G 52 -12.12 -0.13 -13.35
N LYS G 53 -11.49 -0.44 -12.23
CA LYS G 53 -12.10 -1.32 -11.28
C LYS G 53 -12.66 -2.62 -11.88
N LEU G 54 -11.83 -3.30 -12.67
CA LEU G 54 -12.27 -4.50 -13.37
C LEU G 54 -12.65 -5.59 -12.39
N HIS G 55 -13.82 -6.19 -12.58
CA HIS G 55 -14.09 -7.43 -11.84
C HIS G 55 -15.14 -8.31 -12.49
N PRO G 56 -15.06 -9.62 -12.22
CA PRO G 56 -16.01 -10.57 -12.80
C PRO G 56 -17.36 -10.55 -12.08
N LEU G 57 -18.43 -10.77 -12.82
CA LEU G 57 -19.76 -10.92 -12.23
C LEU G 57 -20.08 -12.40 -11.94
N LYS G 58 -21.20 -12.64 -11.27
CA LYS G 58 -21.51 -13.99 -10.80
C LYS G 58 -22.93 -14.42 -11.18
N GLY G 59 -23.30 -15.65 -10.77
CA GLY G 59 -24.64 -16.17 -11.01
C GLY G 59 -25.01 -16.30 -12.48
N ASP G 60 -26.15 -15.72 -12.84
CA ASP G 60 -26.55 -15.73 -14.24
C ASP G 60 -25.71 -14.76 -15.04
N ARG G 61 -24.80 -14.08 -14.35
CA ARG G 61 -23.85 -13.19 -14.99
C ARG G 61 -22.42 -13.73 -14.86
N GLU G 62 -22.25 -14.97 -14.43
CA GLU G 62 -20.91 -15.55 -14.48
C GLU G 62 -20.45 -15.54 -15.95
N GLY G 63 -19.17 -15.24 -16.19
CA GLY G 63 -18.66 -15.08 -17.54
C GLY G 63 -18.71 -13.63 -18.05
N TYR G 64 -19.36 -12.77 -17.28
CA TYR G 64 -19.35 -11.34 -17.60
C TYR G 64 -18.32 -10.63 -16.74
N TRP G 65 -17.91 -9.45 -17.21
CA TRP G 65 -16.97 -8.56 -16.55
C TRP G 65 -17.58 -7.18 -16.46
N SER G 66 -17.14 -6.41 -15.48
CA SER G 66 -17.60 -5.06 -15.29
C SER G 66 -16.43 -4.09 -15.22
N ILE G 67 -16.57 -2.96 -15.89
CA ILE G 67 -15.63 -1.87 -15.84
C ILE G 67 -16.42 -0.64 -15.39
N THR G 68 -15.90 0.10 -14.41
CA THR G 68 -16.63 1.25 -13.94
C THR G 68 -16.53 2.48 -14.84
N VAL G 69 -17.68 3.09 -15.12
CA VAL G 69 -17.73 4.35 -15.87
C VAL G 69 -17.78 5.47 -14.87
N ARG G 70 -18.85 5.49 -14.07
CA ARG G 70 -18.99 6.49 -13.01
C ARG G 70 -19.84 5.89 -11.91
N ALA G 71 -19.26 5.73 -10.71
CA ALA G 71 -19.99 5.16 -9.56
C ALA G 71 -20.71 3.86 -9.90
N ASN G 72 -22.04 3.85 -9.81
CA ASN G 72 -22.80 2.62 -10.01
C ASN G 72 -22.97 2.27 -11.49
N TRP G 73 -22.58 3.15 -12.40
CA TRP G 73 -22.78 2.82 -13.82
C TRP G 73 -21.56 2.16 -14.44
N ARG G 74 -21.79 0.99 -15.05
CA ARG G 74 -20.72 0.11 -15.52
C ARG G 74 -20.87 -0.25 -16.98
N ILE G 75 -19.75 -0.51 -17.65
CA ILE G 75 -19.78 -1.23 -18.91
C ILE G 75 -19.58 -2.73 -18.61
N THR G 76 -20.45 -3.58 -19.13
CA THR G 76 -20.32 -5.02 -18.88
C THR G 76 -20.17 -5.77 -20.19
N PHE G 77 -19.51 -6.93 -20.15
CA PHE G 77 -19.26 -7.63 -21.41
C PHE G 77 -18.78 -9.03 -21.09
N GLN G 78 -18.92 -9.95 -22.06
CA GLN G 78 -18.19 -11.19 -21.98
C GLN G 78 -16.86 -10.98 -22.70
N PHE G 79 -15.80 -11.65 -22.24
CA PHE G 79 -14.52 -11.56 -22.92
C PHE G 79 -14.05 -12.97 -23.20
N ILE G 80 -13.90 -13.32 -24.48
CA ILE G 80 -13.49 -14.69 -24.79
C ILE G 80 -12.65 -14.75 -26.04
N ASN G 81 -11.58 -15.54 -25.95
CA ASN G 81 -10.58 -15.70 -27.01
C ASN G 81 -10.15 -14.36 -27.60
N GLY G 82 -9.99 -13.36 -26.72
CA GLY G 82 -9.47 -12.05 -27.12
C GLY G 82 -10.48 -11.05 -27.66
N ASP G 83 -11.76 -11.40 -27.62
CA ASP G 83 -12.81 -10.48 -28.11
C ASP G 83 -13.87 -10.23 -27.08
N ALA G 84 -14.60 -9.11 -27.22
CA ALA G 84 -15.63 -8.75 -26.26
C ALA G 84 -17.02 -8.81 -26.90
N TYR G 85 -17.97 -9.37 -26.15
CA TYR G 85 -19.32 -9.59 -26.65
C TYR G 85 -20.33 -9.07 -25.66
N ILE G 86 -21.55 -8.81 -26.15
CA ILE G 86 -22.67 -8.36 -25.34
C ILE G 86 -22.40 -7.08 -24.55
N LEU G 87 -21.80 -6.10 -25.22
CA LEU G 87 -21.45 -4.87 -24.54
C LEU G 87 -22.70 -4.20 -24.02
N ASN G 88 -22.74 -3.88 -22.72
CA ASN G 88 -23.91 -3.26 -22.14
C ASN G 88 -23.46 -2.16 -21.20
N TYR G 89 -24.39 -1.24 -20.92
CA TYR G 89 -24.17 -0.15 -20.02
C TYR G 89 -25.29 -0.26 -19.01
N GLU G 90 -24.93 -0.47 -17.75
CA GLU G 90 -25.93 -0.85 -16.78
C GLU G 90 -25.62 -0.40 -15.35
N ASP G 91 -26.68 -0.31 -14.57
CA ASP G 91 -26.64 0.12 -13.19
C ASP G 91 -26.30 -1.03 -12.26
N ALA G 92 -25.14 -1.00 -11.60
CA ALA G 92 -24.79 -2.07 -10.64
C ALA G 92 -25.76 -2.17 -9.46
N HIS G 93 -26.50 -1.12 -9.16
CA HIS G 93 -27.51 -1.22 -8.09
C HIS G 93 -28.60 -2.23 -8.41
N LYS G 94 -28.73 -2.59 -9.67
CA LYS G 94 -29.75 -3.50 -10.07
C LYS G 94 -29.25 -4.93 -10.09
N LEU G 95 -27.97 -5.10 -9.77
CA LEU G 95 -27.39 -6.41 -9.58
C LEU G 95 -27.69 -6.83 -8.17
N GLY G 96 -28.08 -8.06 -8.04
CA GLY G 96 -28.28 -8.64 -6.77
C GLY G 96 -26.99 -9.20 -6.27
N PRO G 97 -27.03 -9.60 -4.99
CA PRO G 97 -25.87 -10.24 -4.36
C PRO G 97 -25.54 -11.58 -5.05
N GLU G 98 -26.47 -12.16 -5.78
CA GLU G 98 -26.15 -13.38 -6.50
C GLU G 98 -25.42 -13.06 -7.79
N GLN G 99 -25.36 -11.80 -8.13
CA GLN G 99 -24.71 -11.42 -9.40
C GLN G 99 -23.46 -10.63 -9.34
N GLY H 2 4.02 -27.71 -11.06
CA GLY H 2 3.24 -26.52 -11.29
C GLY H 2 1.93 -26.57 -10.54
N ILE H 3 1.26 -25.42 -10.47
CA ILE H 3 -0.07 -25.38 -9.89
C ILE H 3 -1.07 -25.93 -10.89
N LYS H 4 -1.92 -26.84 -10.43
CA LYS H 4 -2.82 -27.58 -11.32
C LYS H 4 -4.29 -27.30 -11.05
N SER H 5 -4.63 -26.84 -9.84
CA SER H 5 -6.03 -26.53 -9.57
C SER H 5 -6.19 -25.56 -8.39
N PHE H 6 -7.35 -24.92 -8.34
CA PHE H 6 -7.69 -23.95 -7.32
C PHE H 6 -9.02 -24.28 -6.62
N LYS H 7 -9.09 -23.99 -5.33
CA LYS H 7 -10.36 -23.98 -4.63
C LYS H 7 -10.85 -22.55 -4.56
N HIS H 8 -9.90 -21.63 -4.44
CA HIS H 8 -10.19 -20.21 -4.23
C HIS H 8 -10.19 -19.45 -5.55
N LYS H 9 -11.32 -18.84 -5.90
CA LYS H 9 -11.49 -18.21 -7.20
C LYS H 9 -10.63 -16.94 -7.31
N GLY H 10 -10.42 -16.26 -6.19
CA GLY H 10 -9.55 -15.11 -6.14
C GLY H 10 -8.15 -15.45 -6.58
N LEU H 11 -7.59 -16.51 -6.01
CA LEU H 11 -6.25 -16.96 -6.36
C LEU H 11 -6.17 -17.37 -7.81
N LYS H 12 -7.22 -18.05 -8.27
CA LYS H 12 -7.29 -18.56 -9.63
C LYS H 12 -7.30 -17.43 -10.64
N LEU H 13 -8.12 -16.41 -10.37
CA LEU H 13 -8.13 -15.21 -11.21
C LEU H 13 -6.77 -14.53 -11.28
N LEU H 14 -6.12 -14.39 -10.13
CA LEU H 14 -4.80 -13.77 -10.06
C LEU H 14 -3.80 -14.58 -10.86
N PHE H 15 -3.75 -15.86 -10.58
CA PHE H 15 -2.77 -16.67 -11.21
C PHE H 15 -3.00 -16.90 -12.71
N GLU H 16 -4.26 -17.08 -13.11
CA GLU H 16 -4.55 -17.48 -14.49
C GLU H 16 -4.67 -16.28 -15.42
N LYS H 17 -5.20 -15.20 -14.91
CA LYS H 17 -5.55 -14.04 -15.74
C LYS H 17 -4.80 -12.80 -15.36
N GLY H 18 -4.19 -12.75 -14.19
CA GLY H 18 -3.54 -11.52 -13.75
C GLY H 18 -4.51 -10.50 -13.20
N VAL H 19 -5.72 -10.92 -12.93
CA VAL H 19 -6.77 -10.10 -12.40
C VAL H 19 -6.78 -10.09 -10.88
N THR H 20 -6.81 -8.90 -10.31
CA THR H 20 -6.53 -8.72 -8.90
C THR H 20 -7.79 -8.60 -8.07
N SER H 21 -8.93 -8.67 -8.74
CA SER H 21 -10.23 -8.45 -8.15
C SER H 21 -10.58 -9.23 -6.89
N GLY H 22 -10.07 -10.45 -6.77
CA GLY H 22 -10.58 -11.36 -5.76
C GLY H 22 -9.61 -11.62 -4.62
N VAL H 23 -8.57 -10.81 -4.53
CA VAL H 23 -7.64 -10.81 -3.39
C VAL H 23 -7.43 -9.38 -2.91
N PRO H 24 -7.01 -9.20 -1.64
CA PRO H 24 -6.87 -7.82 -1.18
C PRO H 24 -5.70 -7.14 -1.87
N ALA H 25 -5.93 -5.90 -2.28
CA ALA H 25 -5.03 -5.15 -3.15
C ALA H 25 -3.62 -5.03 -2.60
N GLN H 26 -3.51 -4.77 -1.31
CA GLN H 26 -2.21 -4.55 -0.70
C GLN H 26 -1.45 -5.84 -0.53
N ASP H 27 -2.12 -6.99 -0.74
CA ASP H 27 -1.43 -8.27 -0.58
C ASP H 27 -1.17 -8.95 -1.92
N VAL H 28 -1.42 -8.25 -3.02
CA VAL H 28 -1.24 -8.83 -4.35
C VAL H 28 0.19 -9.31 -4.65
N ASP H 29 1.17 -8.46 -4.40
CA ASP H 29 2.57 -8.84 -4.63
C ASP H 29 3.00 -10.03 -3.79
N ARG H 30 2.68 -9.99 -2.50
CA ARG H 30 3.00 -11.11 -1.59
C ARG H 30 2.34 -12.40 -2.04
N ILE H 31 1.06 -12.29 -2.42
CA ILE H 31 0.35 -13.50 -2.83
C ILE H 31 0.93 -14.05 -4.13
N ASN H 32 1.14 -13.16 -5.10
CA ASN H 32 1.67 -13.57 -6.39
C ASN H 32 3.07 -14.19 -6.26
N ASP H 33 3.87 -13.69 -5.32
CA ASP H 33 5.21 -14.24 -5.15
C ASP H 33 5.10 -15.67 -4.66
N ARG H 34 4.17 -15.92 -3.75
CA ARG H 34 4.04 -17.26 -3.18
C ARG H 34 3.39 -18.22 -4.15
N LEU H 35 2.42 -17.74 -4.92
CA LEU H 35 1.86 -18.57 -5.99
C LEU H 35 2.95 -18.98 -6.95
N GLN H 36 3.85 -18.06 -7.30
CA GLN H 36 4.93 -18.40 -8.20
C GLN H 36 5.89 -19.42 -7.55
N ALA H 37 6.16 -19.24 -6.26
CA ALA H 37 7.03 -20.15 -5.53
C ALA H 37 6.44 -21.56 -5.50
N ILE H 38 5.13 -21.66 -5.25
CA ILE H 38 4.44 -22.94 -5.29
C ILE H 38 4.45 -23.54 -6.71
N ASP H 39 4.16 -22.71 -7.72
CA ASP H 39 4.19 -23.14 -9.12
C ASP H 39 5.54 -23.70 -9.54
N THR H 40 6.61 -23.10 -9.03
CA THR H 40 7.99 -23.43 -9.42
C THR H 40 8.57 -24.64 -8.69
N ALA H 41 8.06 -24.91 -7.49
CA ALA H 41 8.61 -25.95 -6.62
C ALA H 41 8.42 -27.34 -7.23
N THR H 42 9.47 -28.15 -7.20
CA THR H 42 9.36 -29.50 -7.73
C THR H 42 9.23 -30.55 -6.63
N GLU H 43 9.54 -30.13 -5.41
CA GLU H 43 9.27 -30.95 -4.24
C GLU H 43 8.96 -30.02 -3.08
N ILE H 44 8.36 -30.59 -2.04
CA ILE H 44 7.79 -29.78 -0.95
C ILE H 44 8.90 -29.09 -0.18
N GLY H 45 10.08 -29.71 -0.17
CA GLY H 45 11.21 -29.19 0.58
C GLY H 45 11.65 -27.81 0.12
N GLU H 46 11.38 -27.52 -1.14
CA GLU H 46 11.75 -26.23 -1.72
C GLU H 46 10.88 -25.09 -1.22
N LEU H 47 9.71 -25.44 -0.71
CA LEU H 47 8.77 -24.46 -0.17
C LEU H 47 9.00 -24.20 1.31
N ASN H 48 10.09 -24.74 1.83
CA ASN H 48 10.32 -24.68 3.26
C ASN H 48 11.25 -23.55 3.67
N ARG H 49 11.14 -22.40 3.00
CA ARG H 49 11.75 -21.19 3.50
C ARG H 49 11.19 -20.88 4.87
N GLN H 50 12.06 -20.49 5.80
CA GLN H 50 11.64 -20.35 7.18
C GLN H 50 10.50 -19.33 7.33
N ILE H 51 10.57 -18.23 6.58
CA ILE H 51 9.51 -17.21 6.72
C ILE H 51 8.15 -17.68 6.22
N TYR H 52 8.12 -18.72 5.38
CA TYR H 52 6.85 -19.27 4.92
C TYR H 52 6.14 -20.07 6.00
N LYS H 53 6.88 -20.50 7.00
CA LYS H 53 6.33 -21.33 8.04
C LYS H 53 5.55 -22.48 7.48
N LEU H 54 6.17 -23.22 6.58
CA LEU H 54 5.56 -24.38 5.96
C LEU H 54 5.17 -25.42 7.00
N HIS H 55 3.94 -25.91 6.95
CA HIS H 55 3.51 -27.01 7.83
C HIS H 55 2.36 -27.82 7.24
N PRO H 56 2.30 -29.13 7.53
CA PRO H 56 1.16 -29.91 7.06
C PRO H 56 -0.05 -29.72 7.95
N LEU H 57 -1.23 -29.92 7.37
CA LEU H 57 -2.47 -29.81 8.10
C LEU H 57 -2.86 -31.20 8.57
N LYS H 58 -3.87 -31.26 9.43
CA LYS H 58 -4.24 -32.51 10.06
C LYS H 58 -5.74 -32.78 9.97
N GLY H 59 -6.14 -33.89 10.58
CA GLY H 59 -7.52 -34.32 10.56
C GLY H 59 -7.97 -34.57 9.15
N ASP H 60 -9.05 -33.90 8.75
CA ASP H 60 -9.62 -34.11 7.43
C ASP H 60 -8.74 -33.48 6.37
N ARG H 61 -7.77 -32.68 6.78
CA ARG H 61 -6.90 -32.08 5.80
C ARG H 61 -5.49 -32.65 5.87
N GLU H 62 -5.37 -33.89 6.34
CA GLU H 62 -4.12 -34.59 6.17
C GLU H 62 -3.82 -34.56 4.66
N GLY H 63 -2.58 -34.27 4.31
CA GLY H 63 -2.22 -34.21 2.92
C GLY H 63 -2.18 -32.78 2.40
N TYR H 64 -2.69 -31.85 3.19
CA TYR H 64 -2.59 -30.43 2.81
C TYR H 64 -1.43 -29.76 3.53
N TRP H 65 -0.96 -28.67 2.94
CA TRP H 65 0.14 -27.88 3.46
C TRP H 65 -0.27 -26.43 3.58
N SER H 66 0.38 -25.67 4.44
CA SER H 66 0.02 -24.27 4.61
C SER H 66 1.27 -23.43 4.66
N ILE H 67 1.30 -22.31 3.93
CA ILE H 67 2.35 -21.33 4.11
C ILE H 67 1.77 -19.97 4.42
N THR H 68 2.53 -19.17 5.12
CA THR H 68 2.10 -17.85 5.52
C THR H 68 2.33 -16.84 4.39
N VAL H 69 1.30 -16.06 4.12
CA VAL H 69 1.38 -14.92 3.25
C VAL H 69 1.81 -13.71 4.08
N ARG H 70 1.02 -13.38 5.07
CA ARG H 70 1.27 -12.29 6.00
C ARG H 70 0.34 -12.48 7.18
N ALA H 71 0.85 -12.22 8.36
CA ALA H 71 0.05 -12.20 9.57
C ALA H 71 -0.77 -13.48 9.62
N ASN H 72 -2.10 -13.36 9.65
CA ASN H 72 -2.96 -14.54 9.78
C ASN H 72 -3.31 -15.22 8.47
N TRP H 73 -2.87 -14.66 7.34
CA TRP H 73 -3.28 -15.19 6.03
C TRP H 73 -2.37 -16.32 5.57
N ARG H 74 -2.98 -17.34 4.97
CA ARG H 74 -2.30 -18.56 4.54
C ARG H 74 -2.68 -18.95 3.14
N ILE H 75 -1.74 -19.56 2.40
CA ILE H 75 -2.14 -20.29 1.20
C ILE H 75 -2.03 -21.78 1.54
N THR H 76 -3.10 -22.54 1.25
CA THR H 76 -3.07 -23.97 1.53
C THR H 76 -3.18 -24.72 0.22
N PHE H 77 -2.68 -25.93 0.20
CA PHE H 77 -2.59 -26.72 -1.03
C PHE H 77 -2.19 -28.13 -0.68
N GLN H 78 -2.44 -29.05 -1.62
CA GLN H 78 -1.83 -30.38 -1.60
C GLN H 78 -0.62 -30.37 -2.52
N PHE H 79 0.39 -31.19 -2.21
CA PHE H 79 1.54 -31.25 -3.07
C PHE H 79 1.88 -32.70 -3.33
N ILE H 80 1.92 -33.08 -4.60
CA ILE H 80 2.22 -34.47 -4.89
C ILE H 80 2.93 -34.55 -6.23
N ASN H 81 4.03 -35.29 -6.26
CA ASN H 81 4.77 -35.56 -7.49
C ASN H 81 5.01 -34.34 -8.32
N GLY H 82 5.51 -33.30 -7.66
CA GLY H 82 6.03 -32.13 -8.32
C GLY H 82 5.00 -31.06 -8.64
N ASP H 83 3.76 -31.24 -8.20
CA ASP H 83 2.70 -30.29 -8.52
C ASP H 83 1.82 -29.98 -7.33
N ALA H 84 1.10 -28.86 -7.41
CA ALA H 84 0.28 -28.39 -6.32
C ALA H 84 -1.18 -28.38 -6.75
N TYR H 85 -2.06 -28.74 -5.81
CA TYR H 85 -3.49 -28.87 -6.09
C TYR H 85 -4.33 -28.19 -5.04
N ILE H 86 -5.54 -27.81 -5.41
CA ILE H 86 -6.52 -27.28 -4.48
C ILE H 86 -6.05 -26.03 -3.72
N LEU H 87 -5.50 -25.11 -4.45
CA LEU H 87 -4.98 -23.92 -3.86
C LEU H 87 -6.09 -23.08 -3.22
N ASN H 88 -5.86 -22.66 -1.99
CA ASN H 88 -6.86 -21.90 -1.26
C ASN H 88 -6.22 -20.75 -0.49
N TYR H 89 -7.01 -19.77 -0.18
CA TYR H 89 -6.54 -18.64 0.60
C TYR H 89 -7.35 -18.60 1.88
N GLU H 90 -6.69 -18.67 3.03
CA GLU H 90 -7.39 -18.91 4.28
C GLU H 90 -6.88 -18.05 5.42
N ASP H 91 -7.78 -17.79 6.36
CA ASP H 91 -7.51 -17.06 7.59
C ASP H 91 -7.11 -18.03 8.71
N ALA H 92 -8.09 -18.76 9.21
CA ALA H 92 -7.87 -19.69 10.32
C ALA H 92 -7.32 -18.97 11.56
N HIS H 93 -7.95 -17.85 11.93
CA HIS H 93 -7.65 -17.17 13.18
C HIS H 93 -8.85 -17.34 14.07
#